data_6VTH
#
_entry.id   6VTH
#
_cell.length_a   65.615
_cell.length_b   84.955
_cell.length_c   88.749
_cell.angle_alpha   90.000
_cell.angle_beta   93.610
_cell.angle_gamma   90.000
#
_symmetry.space_group_name_H-M   'P 1 21 1'
#
loop_
_entity.id
_entity.type
_entity.pdbx_description
1 polymer 'T-cell Receptor 12-6, Alfa chain'
2 polymer 'TCR 12-6, beta chain'
3 non-polymer 'SULFATE ION'
4 water water
#
loop_
_entity_poly.entity_id
_entity_poly.type
_entity_poly.pdbx_seq_one_letter_code
_entity_poly.pdbx_strand_id
1 'polypeptide(L)'
;MRKEVEQDPGPFNVPEGATVAFNCTYSNSASQSFFWYRQDCRKEPKLLMSVYSSGNEDGRFTAQLNRASQYISLLIRDSK
LSDSATYLCVVQPGGYQKVTFGTGTKLQVIPNIQNPDPAVYQLRDSKSSDKSVCLFTDFDSQTNVSQSKDSDVYITDKCV
LDMRSMDFKSNSAVAWSNKSDFACANAFNNSIIPEDTFFPSPESS
;
A,D
2 'polypeptide(L)'
;MNAGVTQTPKFQVLKTGQSMTLQCAQDMNHNSMYWYRQDPGMGLRLIYYSASEGTTDKGEVPNGYNVSRLNKREFSLRLE
SAAPSQTSVYFCASSEGLWQVGDEQYFGPGTRLTVTEDLKNVFPPEVAVFEPSEAEISHTQKATLVCLATGFYPDHVELS
WWVNGKEVHSGVCTDPQPLKEQPALNDSRYALSSRLRVSATFWQNPRNHFRCQVQFYGLSENDEWTQDRAKPVTQIVSAE
AWGRAD
;
B,E
#
loop_
_chem_comp.id
_chem_comp.type
_chem_comp.name
_chem_comp.formula
SO4 non-polymer 'SULFATE ION' 'O4 S -2'
#
# COMPACT_ATOMS: atom_id res chain seq x y z
N LYS A 3 -16.79 -47.45 1.82
CA LYS A 3 -17.37 -46.12 2.19
C LYS A 3 -18.62 -46.32 3.05
N GLU A 4 -18.42 -46.43 4.38
CA GLU A 4 -19.51 -46.82 5.27
C GLU A 4 -19.53 -46.04 6.60
N VAL A 5 -19.50 -44.70 6.50
CA VAL A 5 -20.16 -43.81 7.43
C VAL A 5 -21.04 -42.92 6.56
N GLU A 6 -22.31 -42.81 6.93
CA GLU A 6 -23.18 -41.96 6.15
C GLU A 6 -23.63 -40.79 7.04
N GLN A 7 -23.55 -39.56 6.53
CA GLN A 7 -24.01 -38.45 7.34
C GLN A 7 -24.99 -37.60 6.58
N ASP A 8 -25.69 -36.71 7.30
CA ASP A 8 -26.58 -35.72 6.71
C ASP A 8 -26.02 -35.21 5.38
N PRO A 9 -26.82 -35.15 4.30
CA PRO A 9 -26.31 -34.65 3.02
C PRO A 9 -25.90 -33.18 3.12
N GLY A 10 -26.82 -32.32 3.59
CA GLY A 10 -26.62 -30.87 3.67
C GLY A 10 -26.74 -30.19 2.30
N PRO A 11 -26.35 -28.90 2.14
CA PRO A 11 -25.98 -28.02 3.25
C PRO A 11 -27.20 -27.56 4.05
N PHE A 12 -26.96 -27.12 5.27
CA PHE A 12 -27.98 -26.81 6.26
C PHE A 12 -27.91 -25.31 6.56
N ASN A 13 -29.06 -24.66 6.48
CA ASN A 13 -29.24 -23.29 6.92
C ASN A 13 -29.94 -23.29 8.28
N VAL A 14 -29.28 -22.61 9.22
CA VAL A 14 -29.75 -22.47 10.59
C VAL A 14 -29.64 -21.00 10.96
N PRO A 15 -30.75 -20.42 11.48
CA PRO A 15 -30.75 -19.03 11.95
C PRO A 15 -29.76 -18.88 13.10
N GLU A 16 -29.09 -17.71 13.15
CA GLU A 16 -28.13 -17.39 14.19
C GLU A 16 -28.81 -17.45 15.54
N GLY A 17 -28.15 -18.09 16.51
CA GLY A 17 -28.77 -18.28 17.81
C GLY A 17 -29.60 -19.58 17.94
N ALA A 18 -30.15 -20.12 16.84
CA ALA A 18 -30.96 -21.34 16.90
C ALA A 18 -30.08 -22.60 17.08
N THR A 19 -30.76 -23.74 17.31
CA THR A 19 -30.07 -24.98 17.60
C THR A 19 -29.92 -25.74 16.30
N VAL A 20 -28.75 -26.36 16.13
CA VAL A 20 -28.51 -27.18 14.95
C VAL A 20 -28.23 -28.62 15.38
N ALA A 21 -28.68 -29.61 14.59
CA ALA A 21 -28.51 -31.01 14.94
C ALA A 21 -27.94 -31.82 13.76
N PHE A 22 -26.92 -32.63 14.06
CA PHE A 22 -26.27 -33.45 13.05
C PHE A 22 -26.37 -34.93 13.43
N ASN A 23 -26.49 -35.77 12.41
CA ASN A 23 -26.53 -37.19 12.69
C ASN A 23 -25.69 -37.95 11.67
N CYS A 24 -25.19 -39.10 12.10
CA CYS A 24 -24.33 -39.87 11.24
C CYS A 24 -24.51 -41.35 11.58
N THR A 25 -24.71 -42.16 10.55
CA THR A 25 -24.73 -43.62 10.73
C THR A 25 -23.42 -44.25 10.24
N TYR A 26 -23.08 -45.37 10.86
CA TYR A 26 -21.89 -46.12 10.52
C TYR A 26 -22.29 -47.60 10.49
N SER A 27 -21.68 -48.39 9.61
CA SER A 27 -22.13 -49.76 9.37
C SER A 27 -21.54 -50.75 10.35
N ASN A 28 -20.27 -50.54 10.75
CA ASN A 28 -19.52 -51.51 11.53
C ASN A 28 -19.84 -51.37 13.01
N SER A 29 -20.63 -52.30 13.55
CA SER A 29 -21.04 -52.24 14.94
C SER A 29 -19.92 -52.62 15.93
N ALA A 30 -18.77 -53.06 15.44
CA ALA A 30 -17.68 -53.33 16.37
C ALA A 30 -16.77 -52.11 16.51
N SER A 31 -17.19 -51.01 15.87
CA SER A 31 -16.49 -49.72 15.90
C SER A 31 -16.23 -49.30 17.33
N GLN A 32 -15.03 -48.75 17.59
CA GLN A 32 -14.48 -48.54 18.92
C GLN A 32 -14.55 -47.07 19.35
N SER A 33 -14.12 -46.14 18.49
CA SER A 33 -14.05 -44.72 18.84
C SER A 33 -14.79 -43.87 17.81
N PHE A 34 -15.27 -42.70 18.24
CA PHE A 34 -16.09 -41.78 17.46
C PHE A 34 -15.71 -40.33 17.73
N PHE A 35 -15.73 -39.52 16.65
CA PHE A 35 -15.29 -38.14 16.75
C PHE A 35 -16.14 -37.25 15.86
N TRP A 36 -16.37 -35.99 16.29
CA TRP A 36 -16.82 -34.97 15.36
C TRP A 36 -15.65 -34.05 15.03
N TYR A 37 -15.40 -33.85 13.73
CA TYR A 37 -14.43 -32.86 13.29
C TYR A 37 -15.17 -31.70 12.66
N ARG A 38 -14.51 -30.54 12.65
CA ARG A 38 -15.05 -29.33 12.06
C ARG A 38 -14.03 -28.82 11.04
N GLN A 39 -14.49 -28.45 9.85
CA GLN A 39 -13.51 -28.01 8.88
C GLN A 39 -13.99 -26.74 8.21
N ASP A 40 -13.22 -25.64 8.39
CA ASP A 40 -13.56 -24.39 7.72
C ASP A 40 -13.17 -24.40 6.25
N CYS A 41 -13.86 -23.60 5.44
CA CYS A 41 -13.56 -23.50 4.02
C CYS A 41 -12.09 -23.15 3.78
N ARG A 42 -11.47 -23.90 2.87
CA ARG A 42 -10.08 -23.71 2.48
C ARG A 42 -9.12 -24.04 3.62
N LYS A 43 -9.55 -24.85 4.59
CA LYS A 43 -8.68 -25.13 5.71
C LYS A 43 -8.74 -26.59 6.12
N GLU A 44 -8.01 -26.93 7.18
CA GLU A 44 -7.84 -28.31 7.58
C GLU A 44 -8.85 -28.70 8.65
N PRO A 45 -9.23 -30.01 8.75
CA PRO A 45 -10.09 -30.51 9.80
C PRO A 45 -9.47 -30.38 11.19
N LYS A 46 -10.35 -30.14 12.16
CA LYS A 46 -9.95 -30.01 13.55
C LYS A 46 -10.92 -30.78 14.45
N LEU A 47 -10.34 -31.44 15.46
CA LEU A 47 -11.15 -32.18 16.41
C LEU A 47 -12.15 -31.19 17.01
N LEU A 48 -13.43 -31.59 17.03
CA LEU A 48 -14.45 -30.84 17.75
C LEU A 48 -14.72 -31.56 19.06
N MET A 49 -15.03 -32.86 19.03
CA MET A 49 -15.06 -33.61 20.26
C MET A 49 -15.11 -35.09 19.99
N SER A 50 -14.72 -35.85 21.04
CA SER A 50 -14.87 -37.28 21.12
C SER A 50 -16.32 -37.57 21.47
N VAL A 51 -16.81 -38.73 21.06
CA VAL A 51 -18.21 -39.04 21.29
C VAL A 51 -18.33 -40.36 22.06
N TYR A 52 -19.12 -40.34 23.12
CA TYR A 52 -19.28 -41.47 24.02
C TYR A 52 -20.75 -41.81 24.20
N SER A 53 -21.03 -43.06 24.57
CA SER A 53 -22.38 -43.51 24.94
C SER A 53 -22.88 -42.68 26.12
N SER A 54 -21.94 -42.27 26.96
CA SER A 54 -22.12 -41.42 28.13
C SER A 54 -22.89 -40.15 27.77
N GLY A 55 -22.82 -39.71 26.51
CA GLY A 55 -23.13 -38.32 26.23
C GLY A 55 -21.94 -37.43 26.64
N ASN A 56 -21.88 -36.25 26.02
CA ASN A 56 -20.70 -35.40 26.10
C ASN A 56 -21.14 -33.95 25.90
N GLU A 57 -20.67 -33.05 26.77
CA GLU A 57 -21.01 -31.64 26.72
C GLU A 57 -19.76 -30.79 26.94
N ASP A 58 -19.43 -29.96 25.94
CA ASP A 58 -18.53 -28.85 26.13
C ASP A 58 -19.22 -27.59 25.64
N GLY A 59 -19.67 -26.75 26.58
CA GLY A 59 -20.31 -25.48 26.26
C GLY A 59 -21.61 -25.69 25.46
N ARG A 60 -21.61 -25.20 24.22
CA ARG A 60 -22.79 -25.17 23.37
C ARG A 60 -22.90 -26.49 22.61
N PHE A 61 -21.93 -27.39 22.80
CA PHE A 61 -21.82 -28.58 21.98
C PHE A 61 -22.11 -29.81 22.81
N THR A 62 -23.07 -30.58 22.31
CA THR A 62 -23.42 -31.87 22.85
C THR A 62 -23.32 -32.92 21.75
N ALA A 63 -22.75 -34.07 22.13
CA ALA A 63 -22.57 -35.19 21.23
C ALA A 63 -23.10 -36.43 21.91
N GLN A 64 -23.60 -37.38 21.11
CA GLN A 64 -24.10 -38.62 21.66
C GLN A 64 -23.73 -39.76 20.72
N LEU A 65 -23.38 -40.89 21.32
CA LEU A 65 -23.16 -42.14 20.61
C LEU A 65 -24.28 -43.07 21.03
N ASN A 66 -24.84 -43.79 20.05
CA ASN A 66 -25.81 -44.85 20.32
C ASN A 66 -25.38 -46.13 19.64
N ARG A 67 -24.75 -46.99 20.43
CA ARG A 67 -24.05 -48.11 19.82
C ARG A 67 -25.07 -49.14 19.33
N ALA A 68 -26.15 -49.31 20.12
CA ALA A 68 -27.23 -50.23 19.78
C ALA A 68 -27.80 -49.88 18.41
N SER A 69 -27.99 -48.58 18.13
CA SER A 69 -28.62 -48.19 16.88
C SER A 69 -27.60 -47.81 15.80
N GLN A 70 -26.31 -47.75 16.18
CA GLN A 70 -25.24 -47.38 15.25
C GLN A 70 -25.39 -45.95 14.70
N TYR A 71 -25.54 -44.95 15.58
CA TYR A 71 -25.46 -43.57 15.10
C TYR A 71 -24.75 -42.70 16.13
N ILE A 72 -24.16 -41.61 15.67
CA ILE A 72 -23.68 -40.57 16.57
C ILE A 72 -24.39 -39.26 16.23
N SER A 73 -24.40 -38.32 17.17
CA SER A 73 -25.08 -37.06 16.98
C SER A 73 -24.25 -35.92 17.52
N LEU A 74 -24.58 -34.74 17.03
CA LEU A 74 -23.96 -33.52 17.52
C LEU A 74 -25.05 -32.48 17.66
N LEU A 75 -25.14 -31.91 18.84
CA LEU A 75 -26.09 -30.82 19.00
C LEU A 75 -25.30 -29.54 19.30
N ILE A 76 -25.59 -28.46 18.55
CA ILE A 76 -25.01 -27.15 18.83
C ILE A 76 -26.13 -26.19 19.20
N ARG A 77 -26.10 -25.69 20.44
CA ARG A 77 -27.00 -24.65 20.89
C ARG A 77 -26.42 -23.25 20.63
N ASP A 78 -27.30 -22.24 20.57
CA ASP A 78 -26.90 -20.84 20.43
C ASP A 78 -25.86 -20.70 19.31
N SER A 79 -26.23 -21.11 18.09
CA SER A 79 -25.36 -21.08 16.92
C SER A 79 -24.79 -19.68 16.72
N LYS A 80 -23.48 -19.66 16.38
CA LYS A 80 -22.77 -18.45 16.00
C LYS A 80 -22.50 -18.44 14.49
N LEU A 81 -22.28 -17.25 13.92
CA LEU A 81 -21.87 -17.17 12.52
C LEU A 81 -20.57 -17.94 12.31
N SER A 82 -19.77 -18.01 13.38
CA SER A 82 -18.43 -18.59 13.31
C SER A 82 -18.50 -20.12 13.31
N ASP A 83 -19.71 -20.66 13.48
CA ASP A 83 -19.95 -22.09 13.44
C ASP A 83 -20.06 -22.57 11.99
N SER A 84 -20.24 -21.65 11.06
CA SER A 84 -20.32 -22.02 9.66
C SER A 84 -19.04 -22.77 9.26
N ALA A 85 -19.20 -24.00 8.76
CA ALA A 85 -18.12 -24.92 8.46
C ALA A 85 -18.74 -26.22 7.96
N THR A 86 -17.87 -27.17 7.64
CA THR A 86 -18.33 -28.53 7.37
C THR A 86 -18.00 -29.35 8.58
N TYR A 87 -18.95 -30.20 8.98
CA TYR A 87 -18.78 -31.05 10.14
C TYR A 87 -18.65 -32.49 9.64
N LEU A 88 -17.52 -33.12 9.96
CA LEU A 88 -17.25 -34.48 9.51
C LEU A 88 -17.54 -35.46 10.65
N CYS A 89 -18.35 -36.47 10.38
CA CYS A 89 -18.43 -37.60 11.28
C CYS A 89 -17.11 -38.36 11.12
N VAL A 90 -16.53 -38.84 12.23
CA VAL A 90 -15.32 -39.63 12.09
C VAL A 90 -15.39 -40.90 12.94
N VAL A 91 -15.06 -42.06 12.33
CA VAL A 91 -15.15 -43.37 12.99
C VAL A 91 -13.81 -44.10 12.94
N GLN A 92 -13.35 -44.54 14.13
CA GLN A 92 -12.18 -45.40 14.26
C GLN A 92 -12.69 -46.82 14.46
N PRO A 93 -12.66 -47.66 13.41
CA PRO A 93 -13.09 -49.05 13.55
C PRO A 93 -12.31 -49.86 14.59
N GLY A 94 -10.99 -49.70 14.63
CA GLY A 94 -10.18 -50.18 15.74
C GLY A 94 -9.48 -51.50 15.44
N GLY A 95 -9.93 -52.22 14.39
CA GLY A 95 -9.42 -53.56 14.16
C GLY A 95 -8.61 -53.69 12.87
N TYR A 96 -9.28 -53.70 11.72
CA TYR A 96 -8.61 -54.08 10.48
C TYR A 96 -8.78 -53.01 9.42
N GLN A 97 -9.50 -51.93 9.77
CA GLN A 97 -9.82 -50.90 8.79
C GLN A 97 -9.24 -49.57 9.26
N LYS A 98 -9.01 -48.69 8.28
CA LYS A 98 -8.58 -47.34 8.52
C LYS A 98 -9.72 -46.51 9.11
N VAL A 99 -9.34 -45.39 9.73
CA VAL A 99 -10.34 -44.44 10.19
C VAL A 99 -11.16 -43.96 9.01
N THR A 100 -12.48 -43.86 9.17
CA THR A 100 -13.22 -43.21 8.09
C THR A 100 -13.67 -41.81 8.49
N PHE A 101 -13.43 -40.85 7.58
CA PHE A 101 -13.97 -39.50 7.66
C PHE A 101 -15.18 -39.36 6.73
N GLY A 102 -16.30 -38.85 7.26
CA GLY A 102 -17.49 -38.67 6.43
C GLY A 102 -17.26 -37.58 5.37
N THR A 103 -18.16 -37.51 4.38
CA THR A 103 -18.07 -36.43 3.39
C THR A 103 -18.32 -35.07 4.07
N GLY A 104 -19.06 -35.08 5.19
CA GLY A 104 -19.27 -33.85 5.93
C GLY A 104 -20.65 -33.23 5.67
N THR A 105 -21.17 -32.54 6.67
CA THR A 105 -22.36 -31.74 6.49
C THR A 105 -21.97 -30.27 6.62
N LYS A 106 -22.22 -29.48 5.56
CA LYS A 106 -21.91 -28.08 5.53
C LYS A 106 -22.95 -27.25 6.29
N LEU A 107 -22.47 -26.48 7.28
CA LEU A 107 -23.36 -25.62 8.08
C LEU A 107 -23.17 -24.17 7.67
N GLN A 108 -24.30 -23.50 7.47
CA GLN A 108 -24.36 -22.07 7.22
C GLN A 108 -25.35 -21.48 8.22
N VAL A 109 -24.80 -20.69 9.15
CA VAL A 109 -25.58 -20.05 10.19
C VAL A 109 -25.95 -18.68 9.66
N ILE A 110 -27.25 -18.41 9.60
CA ILE A 110 -27.80 -17.28 8.86
C ILE A 110 -28.30 -16.25 9.86
N PRO A 111 -27.83 -14.99 9.74
CA PRO A 111 -28.29 -13.90 10.59
C PRO A 111 -29.63 -13.28 10.14
N ASN A 112 -30.36 -12.74 11.12
CA ASN A 112 -31.57 -12.01 10.81
C ASN A 112 -31.21 -10.57 10.44
N ILE A 113 -31.72 -10.11 9.30
CA ILE A 113 -31.64 -8.71 8.94
C ILE A 113 -32.94 -8.01 9.32
N GLN A 114 -32.89 -7.15 10.35
CA GLN A 114 -34.12 -6.57 10.87
C GLN A 114 -34.74 -5.57 9.91
N ASN A 115 -33.90 -4.80 9.19
CA ASN A 115 -34.39 -3.73 8.34
C ASN A 115 -33.82 -3.88 6.93
N PRO A 116 -34.33 -4.84 6.14
CA PRO A 116 -33.87 -5.01 4.77
C PRO A 116 -33.92 -3.63 4.12
N ASP A 117 -32.91 -3.34 3.31
CA ASP A 117 -32.88 -2.15 2.47
C ASP A 117 -32.31 -2.56 1.11
N PRO A 118 -32.95 -3.53 0.42
CA PRO A 118 -32.41 -4.08 -0.81
C PRO A 118 -32.13 -2.99 -1.83
N ALA A 119 -30.90 -2.98 -2.33
CA ALA A 119 -30.52 -2.00 -3.33
C ALA A 119 -29.45 -2.61 -4.24
N VAL A 120 -29.36 -2.08 -5.46
CA VAL A 120 -28.30 -2.43 -6.38
C VAL A 120 -27.57 -1.15 -6.77
N TYR A 121 -26.30 -1.07 -6.35
CA TYR A 121 -25.45 0.07 -6.62
C TYR A 121 -24.43 -0.28 -7.69
N GLN A 122 -23.94 0.74 -8.41
CA GLN A 122 -22.84 0.56 -9.33
C GLN A 122 -21.63 1.27 -8.74
N LEU A 123 -20.47 0.60 -8.80
CA LEU A 123 -19.21 1.10 -8.27
C LEU A 123 -18.21 1.28 -9.41
N ARG A 124 -17.36 2.31 -9.31
CA ARG A 124 -16.36 2.53 -10.35
C ARG A 124 -14.93 2.21 -9.88
N ASP A 125 -14.14 1.72 -10.83
CA ASP A 125 -12.73 1.41 -10.64
C ASP A 125 -11.98 2.68 -10.26
N SER A 126 -11.23 2.59 -9.15
CA SER A 126 -10.36 3.67 -8.71
C SER A 126 -9.36 4.01 -9.83
N LYS A 131 -13.67 -1.31 -15.29
CA LYS A 131 -14.42 -0.03 -15.28
C LYS A 131 -15.41 -0.02 -14.12
N SER A 132 -16.27 -1.05 -14.01
CA SER A 132 -17.34 -0.95 -13.03
C SER A 132 -17.92 -2.30 -12.62
N VAL A 133 -18.44 -2.37 -11.37
CA VAL A 133 -19.14 -3.55 -10.87
C VAL A 133 -20.49 -3.18 -10.27
N CYS A 134 -21.33 -4.20 -10.04
CA CYS A 134 -22.63 -3.97 -9.44
C CYS A 134 -22.73 -4.66 -8.09
N LEU A 135 -23.21 -3.92 -7.09
CA LEU A 135 -23.31 -4.43 -5.75
C LEU A 135 -24.79 -4.54 -5.34
N PHE A 136 -25.26 -5.77 -5.13
CA PHE A 136 -26.58 -5.99 -4.54
C PHE A 136 -26.42 -6.20 -3.05
N THR A 137 -27.12 -5.41 -2.23
CA THR A 137 -26.81 -5.36 -0.82
C THR A 137 -28.04 -5.05 0.03
N ASP A 138 -27.92 -5.37 1.32
CA ASP A 138 -28.82 -4.97 2.39
C ASP A 138 -30.14 -5.71 2.24
N PHE A 139 -30.13 -6.76 1.40
CA PHE A 139 -31.29 -7.64 1.21
C PHE A 139 -31.36 -8.61 2.38
N ASP A 140 -32.57 -9.13 2.63
CA ASP A 140 -32.80 -9.93 3.82
C ASP A 140 -32.21 -11.33 3.61
N SER A 141 -32.08 -12.08 4.71
CA SER A 141 -31.27 -13.30 4.69
C SER A 141 -31.93 -14.43 3.89
N GLN A 142 -33.20 -14.26 3.52
CA GLN A 142 -33.94 -15.30 2.82
C GLN A 142 -34.14 -14.98 1.34
N THR A 143 -33.61 -13.85 0.88
CA THR A 143 -33.47 -13.64 -0.56
C THR A 143 -32.41 -14.60 -1.08
N ASN A 144 -32.61 -15.13 -2.29
CA ASN A 144 -31.64 -16.03 -2.88
C ASN A 144 -31.02 -15.37 -4.12
N VAL A 145 -29.70 -15.41 -4.19
CA VAL A 145 -28.97 -14.88 -5.34
C VAL A 145 -28.66 -16.05 -6.27
N SER A 146 -29.07 -15.94 -7.55
CA SER A 146 -28.94 -17.05 -8.47
C SER A 146 -27.66 -16.89 -9.28
N GLN A 147 -27.21 -18.01 -9.86
CA GLN A 147 -25.96 -18.13 -10.61
C GLN A 147 -25.87 -17.13 -11.76
N LYS A 149 -27.02 -16.85 -15.33
CA LYS A 149 -27.39 -17.54 -16.60
C LYS A 149 -26.49 -17.10 -17.75
N ASP A 150 -25.98 -15.86 -17.70
CA ASP A 150 -25.09 -15.33 -18.73
C ASP A 150 -23.62 -15.63 -18.41
N SER A 151 -22.88 -16.16 -19.40
CA SER A 151 -21.49 -16.59 -19.23
C SER A 151 -20.53 -15.41 -19.26
N ASP A 152 -21.04 -14.25 -19.69
CA ASP A 152 -20.25 -13.03 -19.74
C ASP A 152 -20.66 -12.14 -18.56
N VAL A 153 -21.54 -12.65 -17.69
CA VAL A 153 -21.93 -12.00 -16.44
C VAL A 153 -21.42 -12.81 -15.24
N TYR A 154 -20.57 -12.21 -14.39
CA TYR A 154 -20.09 -12.92 -13.22
C TYR A 154 -20.86 -12.53 -11.97
N ILE A 155 -21.52 -13.52 -11.34
CA ILE A 155 -22.27 -13.31 -10.10
C ILE A 155 -21.72 -14.18 -8.98
N THR A 156 -21.48 -13.50 -7.86
CA THR A 156 -20.89 -14.04 -6.66
C THR A 156 -22.01 -14.58 -5.76
N ASP A 157 -21.69 -15.53 -4.89
CA ASP A 157 -22.66 -15.97 -3.90
C ASP A 157 -22.85 -14.85 -2.87
N LYS A 158 -23.90 -15.00 -2.07
CA LYS A 158 -24.22 -14.13 -0.95
C LYS A 158 -23.12 -14.22 0.11
N CYS A 159 -22.74 -13.06 0.65
CA CYS A 159 -21.71 -12.99 1.69
C CYS A 159 -22.13 -12.05 2.81
N VAL A 160 -21.90 -12.47 4.05
CA VAL A 160 -22.26 -11.67 5.21
C VAL A 160 -21.04 -10.92 5.75
N LEU A 161 -21.13 -9.60 5.80
CA LEU A 161 -20.12 -8.80 6.49
C LEU A 161 -20.64 -8.24 7.83
N ASP A 162 -19.72 -8.07 8.79
CA ASP A 162 -20.07 -7.69 10.15
C ASP A 162 -19.32 -6.43 10.56
N MET A 163 -20.01 -5.28 10.53
CA MET A 163 -19.50 -4.02 11.03
C MET A 163 -19.66 -4.04 12.55
N ARG A 164 -18.60 -4.51 13.23
CA ARG A 164 -18.65 -4.94 14.61
C ARG A 164 -18.96 -3.75 15.51
N SER A 165 -18.28 -2.63 15.26
CA SER A 165 -18.40 -1.43 16.07
C SER A 165 -19.81 -0.84 16.00
N MET A 166 -20.54 -1.15 14.92
CA MET A 166 -21.89 -0.62 14.71
C MET A 166 -22.93 -1.70 15.00
N ASP A 167 -22.44 -2.90 15.39
CA ASP A 167 -23.24 -4.11 15.52
C ASP A 167 -24.29 -4.17 14.41
N PHE A 168 -23.81 -4.31 13.15
CA PHE A 168 -24.64 -4.27 11.97
C PHE A 168 -24.17 -5.33 10.98
N LYS A 169 -25.07 -6.23 10.58
CA LYS A 169 -24.75 -7.22 9.58
C LYS A 169 -25.51 -6.89 8.30
N SER A 170 -24.92 -7.26 7.16
CA SER A 170 -25.57 -7.06 5.88
C SER A 170 -25.05 -8.06 4.86
N ASN A 171 -25.96 -8.49 3.99
CA ASN A 171 -25.65 -9.42 2.95
C ASN A 171 -25.31 -8.61 1.72
N SER A 172 -24.34 -9.11 0.94
CA SER A 172 -24.18 -8.54 -0.39
C SER A 172 -23.78 -9.60 -1.42
N ALA A 173 -23.98 -9.27 -2.70
CA ALA A 173 -23.47 -10.06 -3.80
C ALA A 173 -22.95 -9.12 -4.89
N VAL A 174 -21.84 -9.52 -5.53
CA VAL A 174 -21.18 -8.70 -6.51
C VAL A 174 -21.46 -9.29 -7.89
N ALA A 175 -21.69 -8.43 -8.86
CA ALA A 175 -21.79 -8.88 -10.24
C ALA A 175 -20.98 -7.99 -11.16
N TRP A 176 -20.43 -8.57 -12.21
CA TRP A 176 -19.69 -7.78 -13.19
C TRP A 176 -19.64 -8.48 -14.55
N SER A 177 -19.33 -7.70 -15.60
CA SER A 177 -19.42 -8.12 -16.99
C SER A 177 -18.55 -7.24 -17.90
N ASN A 178 -18.08 -7.83 -19.01
CA ASN A 178 -17.33 -7.09 -20.01
C ASN A 178 -18.26 -6.59 -21.09
N LYS A 179 -19.45 -7.20 -21.19
CA LYS A 179 -20.40 -6.97 -22.28
C LYS A 179 -20.98 -5.55 -22.24
N PHE A 182 -24.08 -3.58 -20.66
CA PHE A 182 -24.36 -4.29 -19.38
C PHE A 182 -24.62 -3.27 -18.27
N ALA A 183 -25.80 -3.37 -17.68
CA ALA A 183 -26.23 -2.38 -16.70
C ALA A 183 -26.68 -3.06 -15.40
N CYS A 184 -26.45 -2.39 -14.28
CA CYS A 184 -26.76 -2.94 -12.97
C CYS A 184 -28.25 -3.24 -12.84
N ALA A 185 -29.06 -2.51 -13.62
CA ALA A 185 -30.50 -2.63 -13.52
C ALA A 185 -30.90 -4.07 -13.82
N ASN A 186 -30.08 -4.76 -14.62
CA ASN A 186 -30.48 -6.04 -15.16
C ASN A 186 -29.54 -7.14 -14.67
N ALA A 187 -28.63 -6.79 -13.75
CA ALA A 187 -27.52 -7.66 -13.41
C ALA A 187 -27.99 -8.85 -12.58
N PHE A 188 -29.02 -8.67 -11.74
CA PHE A 188 -29.46 -9.69 -10.82
C PHE A 188 -30.89 -10.17 -11.12
N ASN A 189 -31.30 -10.22 -12.39
CA ASN A 189 -32.68 -10.51 -12.78
C ASN A 189 -33.15 -11.94 -12.47
N ASN A 190 -32.23 -12.90 -12.49
CA ASN A 190 -32.57 -14.32 -12.33
C ASN A 190 -32.85 -14.66 -10.87
N SER A 191 -32.48 -13.73 -9.98
CA SER A 191 -32.86 -13.78 -8.58
C SER A 191 -34.24 -13.12 -8.44
N ILE A 192 -35.05 -13.67 -7.54
CA ILE A 192 -36.28 -12.99 -7.16
C ILE A 192 -35.89 -11.78 -6.30
N ILE A 193 -35.83 -10.61 -6.98
CA ILE A 193 -35.51 -9.34 -6.35
C ILE A 193 -36.81 -8.73 -5.83
N PRO A 194 -36.90 -8.41 -4.51
CA PRO A 194 -38.05 -7.68 -3.98
C PRO A 194 -38.37 -6.41 -4.78
N GLU A 195 -39.65 -6.22 -5.12
CA GLU A 195 -40.06 -4.95 -5.71
C GLU A 195 -39.85 -3.89 -4.65
N ASP A 196 -39.44 -2.69 -5.10
CA ASP A 196 -39.00 -1.60 -4.24
C ASP A 196 -37.53 -1.73 -3.86
N THR A 197 -36.83 -2.74 -4.40
CA THR A 197 -35.37 -2.72 -4.42
C THR A 197 -34.93 -1.38 -5.02
N PHE A 198 -34.08 -0.67 -4.28
CA PHE A 198 -33.65 0.65 -4.66
C PHE A 198 -32.72 0.55 -5.89
N PHE A 199 -33.08 1.25 -6.97
CA PHE A 199 -32.21 1.35 -8.13
C PHE A 199 -31.85 2.82 -8.38
N PRO A 200 -30.69 3.28 -7.88
CA PRO A 200 -30.30 4.71 -7.95
C PRO A 200 -30.37 5.39 -9.32
N SER A 201 -30.87 6.63 -9.29
CA SER A 201 -30.95 7.57 -10.40
C SER A 201 -29.70 7.45 -11.28
N GLY B 4 1.98 -27.24 15.62
CA GLY B 4 1.66 -28.73 15.73
C GLY B 4 2.18 -29.58 14.56
N VAL B 5 1.45 -29.58 13.44
CA VAL B 5 1.80 -30.40 12.29
C VAL B 5 2.05 -29.44 11.14
N THR B 6 3.29 -29.40 10.63
CA THR B 6 3.65 -28.43 9.60
C THR B 6 3.73 -29.15 8.25
N GLN B 7 3.43 -28.43 7.17
CA GLN B 7 3.52 -28.99 5.83
C GLN B 7 4.17 -27.95 4.93
N THR B 8 5.08 -28.41 4.08
CA THR B 8 5.66 -27.49 3.11
C THR B 8 5.73 -28.23 1.78
N PRO B 9 5.36 -27.59 0.64
CA PRO B 9 4.86 -26.22 0.59
C PRO B 9 3.36 -26.16 0.81
N LYS B 10 2.84 -24.96 1.03
CA LYS B 10 1.41 -24.77 1.21
C LYS B 10 0.71 -24.72 -0.14
N PHE B 11 1.45 -24.34 -1.19
CA PHE B 11 0.85 -24.19 -2.52
C PHE B 11 1.87 -24.69 -3.52
N GLN B 12 1.43 -25.19 -4.68
CA GLN B 12 2.32 -25.70 -5.71
C GLN B 12 1.58 -25.91 -7.03
N VAL B 13 2.19 -25.47 -8.14
CA VAL B 13 1.70 -25.79 -9.48
C VAL B 13 2.81 -26.56 -10.20
N LEU B 14 2.46 -27.73 -10.76
CA LEU B 14 3.47 -28.53 -11.45
C LEU B 14 3.07 -28.70 -12.91
N LYS B 15 4.07 -28.95 -13.75
CA LYS B 15 3.81 -29.39 -15.11
C LYS B 15 3.60 -30.91 -15.04
N THR B 16 2.64 -31.39 -15.86
CA THR B 16 2.51 -32.83 -16.06
C THR B 16 3.89 -33.46 -16.24
N GLY B 17 4.15 -34.54 -15.50
CA GLY B 17 5.40 -35.28 -15.62
C GLY B 17 6.52 -34.80 -14.67
N GLN B 18 6.37 -33.60 -14.06
CA GLN B 18 7.37 -33.15 -13.10
C GLN B 18 7.27 -33.96 -11.80
N SER B 19 8.34 -34.00 -11.02
CA SER B 19 8.29 -34.68 -9.74
C SER B 19 8.20 -33.60 -8.66
N MET B 20 7.80 -34.00 -7.44
CA MET B 20 7.85 -33.12 -6.28
C MET B 20 7.64 -33.94 -5.01
N THR B 21 8.20 -33.45 -3.91
CA THR B 21 7.93 -34.07 -2.62
C THR B 21 7.23 -33.04 -1.73
N LEU B 22 6.11 -33.44 -1.12
CA LEU B 22 5.54 -32.70 -0.01
C LEU B 22 6.16 -33.20 1.30
N GLN B 23 6.64 -32.25 2.13
CA GLN B 23 7.26 -32.53 3.42
C GLN B 23 6.25 -32.29 4.55
N CYS B 24 6.34 -33.12 5.61
CA CYS B 24 5.47 -33.04 6.77
C CYS B 24 6.21 -33.36 8.07
N ALA B 25 5.97 -32.55 9.11
CA ALA B 25 6.70 -32.66 10.36
C ALA B 25 5.73 -32.46 11.52
N GLN B 26 5.90 -33.30 12.54
CA GLN B 26 5.14 -33.12 13.77
C GLN B 26 6.14 -33.01 14.91
N ASP B 27 5.84 -32.11 15.85
CA ASP B 27 6.67 -31.87 17.02
C ASP B 27 5.91 -32.36 18.25
N MET B 28 4.98 -33.30 18.04
CA MET B 28 4.11 -33.74 19.13
C MET B 28 4.52 -35.11 19.65
N ASN B 29 5.65 -35.62 19.13
CA ASN B 29 6.17 -36.95 19.40
C ASN B 29 5.17 -38.06 19.07
N HIS B 30 4.37 -37.94 18.00
CA HIS B 30 3.41 -38.99 17.70
C HIS B 30 4.10 -40.17 16.99
N ASN B 31 3.51 -41.37 17.08
CA ASN B 31 4.04 -42.50 16.35
C ASN B 31 3.53 -42.51 14.91
N SER B 32 2.24 -42.21 14.71
CA SER B 32 1.58 -42.50 13.45
C SER B 32 1.43 -41.23 12.64
N MET B 33 1.68 -41.33 11.34
CA MET B 33 1.48 -40.20 10.45
C MET B 33 0.80 -40.70 9.18
N TYR B 34 0.10 -39.79 8.51
CA TYR B 34 -0.79 -40.15 7.41
C TYR B 34 -0.65 -39.09 6.33
N TRP B 35 -0.97 -39.47 5.09
CA TRP B 35 -1.12 -38.53 4.00
C TRP B 35 -2.49 -38.76 3.34
N TYR B 36 -3.30 -37.70 3.26
CA TYR B 36 -4.64 -37.74 2.71
C TYR B 36 -4.69 -36.81 1.51
N ARG B 37 -5.60 -37.13 0.59
CA ARG B 37 -6.08 -36.16 -0.39
C ARG B 37 -7.58 -35.91 -0.24
N GLN B 38 -7.98 -34.68 -0.55
CA GLN B 38 -9.37 -34.27 -0.46
C GLN B 38 -9.76 -33.63 -1.79
N ASP B 39 -10.92 -34.07 -2.31
CA ASP B 39 -11.42 -33.61 -3.60
C ASP B 39 -12.86 -33.12 -3.45
N PRO B 40 -13.27 -32.09 -4.24
CA PRO B 40 -14.65 -31.58 -4.20
C PRO B 40 -15.66 -32.69 -4.50
N GLY B 43 -14.65 -36.73 0.16
CA GLY B 43 -13.85 -36.05 1.19
C GLY B 43 -12.43 -36.62 1.29
N LEU B 44 -12.02 -37.00 2.50
CA LEU B 44 -10.64 -37.41 2.71
C LEU B 44 -10.41 -38.86 2.28
N ARG B 45 -9.39 -39.06 1.45
CA ARG B 45 -8.96 -40.41 1.11
C ARG B 45 -7.50 -40.62 1.52
N LEU B 46 -7.26 -41.69 2.28
CA LEU B 46 -5.94 -42.07 2.72
C LEU B 46 -5.09 -42.56 1.55
N ILE B 47 -3.98 -41.84 1.26
CA ILE B 47 -3.00 -42.22 0.26
C ILE B 47 -2.07 -43.29 0.83
N TYR B 48 -1.36 -42.93 1.90
CA TYR B 48 -0.47 -43.85 2.59
C TYR B 48 -0.46 -43.45 4.07
N TYR B 49 -0.06 -44.38 4.94
CA TYR B 49 0.06 -44.07 6.35
C TYR B 49 1.35 -44.68 6.89
N SER B 50 1.73 -44.26 8.08
CA SER B 50 2.92 -44.77 8.74
C SER B 50 2.55 -44.97 10.20
N ALA B 51 2.45 -46.24 10.61
CA ALA B 51 1.88 -46.59 11.90
C ALA B 51 2.86 -46.26 13.02
N SER B 52 4.16 -46.32 12.70
CA SER B 52 5.26 -45.94 13.59
C SER B 52 6.49 -45.67 12.73
N GLU B 53 7.57 -45.15 13.34
CA GLU B 53 8.85 -44.77 12.71
C GLU B 53 9.35 -45.73 11.65
N GLY B 54 9.31 -47.05 11.88
CA GLY B 54 10.04 -47.91 10.96
C GLY B 54 9.28 -48.45 9.76
N THR B 55 8.00 -48.09 9.60
CA THR B 55 7.13 -48.82 8.68
C THR B 55 6.22 -47.84 7.92
N THR B 56 5.79 -48.22 6.72
CA THR B 56 4.79 -47.48 5.96
C THR B 56 3.91 -48.48 5.22
N ASP B 57 2.68 -48.07 4.91
CA ASP B 57 1.74 -48.95 4.23
C ASP B 57 0.79 -48.14 3.35
N LYS B 58 0.40 -48.75 2.23
CA LYS B 58 -0.49 -48.10 1.29
C LYS B 58 -1.84 -47.80 1.92
N GLY B 59 -2.48 -46.71 1.46
CA GLY B 59 -3.82 -46.40 1.90
C GLY B 59 -4.82 -46.75 0.81
N GLU B 60 -5.96 -46.06 0.82
CA GLU B 60 -6.99 -46.22 -0.18
C GLU B 60 -6.46 -45.90 -1.59
N VAL B 61 -5.72 -44.80 -1.77
CA VAL B 61 -5.43 -44.35 -3.12
C VAL B 61 -3.94 -44.17 -3.35
N PRO B 62 -3.12 -45.25 -3.27
CA PRO B 62 -1.66 -45.13 -3.29
C PRO B 62 -1.06 -44.91 -4.68
N ASN B 63 -1.83 -45.17 -5.73
CA ASN B 63 -1.26 -45.19 -7.08
C ASN B 63 -0.86 -43.78 -7.52
N GLY B 64 0.43 -43.63 -7.85
CA GLY B 64 0.98 -42.39 -8.35
C GLY B 64 1.85 -41.73 -7.28
N TYR B 65 1.91 -42.32 -6.09
CA TYR B 65 2.60 -41.68 -4.98
C TYR B 65 3.54 -42.67 -4.33
N ASN B 66 4.56 -42.12 -3.64
CA ASN B 66 5.49 -42.80 -2.75
C ASN B 66 5.72 -41.97 -1.48
N VAL B 67 6.09 -42.64 -0.37
CA VAL B 67 6.33 -42.02 0.92
C VAL B 67 7.60 -42.57 1.58
N SER B 68 8.34 -41.66 2.25
CA SER B 68 9.37 -41.97 3.24
C SER B 68 8.93 -41.57 4.65
N ARG B 69 8.93 -42.55 5.57
CA ARG B 69 9.03 -42.27 6.99
C ARG B 69 10.51 -42.12 7.36
N LEU B 70 11.04 -40.91 7.29
CA LEU B 70 12.46 -40.67 7.50
C LEU B 70 12.85 -41.08 8.92
N ASN B 71 12.15 -40.46 9.88
CA ASN B 71 12.43 -40.51 11.31
C ASN B 71 11.09 -40.35 12.00
N LYS B 72 11.08 -40.36 13.34
CA LYS B 72 9.83 -40.29 14.10
C LYS B 72 9.05 -39.05 13.71
N ARG B 73 9.80 -38.03 13.29
CA ARG B 73 9.31 -36.66 13.20
C ARG B 73 8.72 -36.35 11.81
N GLU B 74 9.28 -36.94 10.75
CA GLU B 74 9.00 -36.47 9.41
C GLU B 74 8.42 -37.59 8.54
N PHE B 75 7.44 -37.20 7.68
CA PHE B 75 6.80 -38.10 6.75
C PHE B 75 6.58 -37.40 5.42
N SER B 76 7.35 -37.82 4.40
CA SER B 76 7.36 -37.22 3.08
C SER B 76 6.41 -37.93 2.13
N LEU B 77 5.70 -37.14 1.29
CA LEU B 77 4.94 -37.70 0.20
C LEU B 77 5.59 -37.26 -1.12
N ARG B 78 5.77 -38.23 -2.04
CA ARG B 78 6.45 -38.01 -3.32
C ARG B 78 5.47 -38.23 -4.47
N LEU B 79 5.42 -37.29 -5.42
CA LEU B 79 4.70 -37.51 -6.67
C LEU B 79 5.74 -37.74 -7.76
N GLU B 80 5.77 -38.95 -8.30
CA GLU B 80 6.83 -39.40 -9.22
C GLU B 80 6.80 -38.56 -10.50
N SER B 81 5.66 -38.59 -11.21
CA SER B 81 5.40 -37.72 -12.34
C SER B 81 3.94 -37.29 -12.33
N ALA B 82 3.73 -36.01 -12.09
CA ALA B 82 2.40 -35.49 -11.80
C ALA B 82 1.51 -35.70 -13.03
N ALA B 83 0.26 -36.08 -12.74
CA ALA B 83 -0.80 -36.15 -13.73
C ALA B 83 -1.90 -35.17 -13.30
N PRO B 84 -2.63 -34.56 -14.26
CA PRO B 84 -3.76 -33.69 -13.95
C PRO B 84 -4.69 -34.17 -12.83
N SER B 85 -4.88 -35.50 -12.72
CA SER B 85 -5.84 -36.07 -11.78
C SER B 85 -5.35 -35.91 -10.34
N GLN B 86 -4.08 -35.55 -10.17
CA GLN B 86 -3.50 -35.43 -8.85
C GLN B 86 -3.63 -34.00 -8.36
N THR B 87 -4.35 -33.18 -9.14
CA THR B 87 -4.74 -31.87 -8.66
C THR B 87 -5.63 -32.10 -7.47
N SER B 88 -5.27 -31.56 -6.29
CA SER B 88 -6.02 -31.90 -5.09
C SER B 88 -5.50 -31.12 -3.89
N VAL B 89 -6.18 -31.27 -2.76
CA VAL B 89 -5.67 -30.74 -1.51
C VAL B 89 -5.14 -31.92 -0.67
N TYR B 90 -3.87 -31.80 -0.27
CA TYR B 90 -3.15 -32.84 0.44
C TYR B 90 -2.96 -32.46 1.90
N PHE B 91 -3.41 -33.33 2.80
CA PHE B 91 -3.31 -33.13 4.24
C PHE B 91 -2.44 -34.22 4.86
N CYS B 92 -1.39 -33.78 5.53
CA CYS B 92 -0.62 -34.59 6.46
C CYS B 92 -1.37 -34.64 7.80
N ALA B 93 -1.30 -35.78 8.49
CA ALA B 93 -1.83 -35.90 9.85
C ALA B 93 -0.93 -36.75 10.74
N SER B 94 -1.09 -36.60 12.05
CA SER B 94 -0.39 -37.50 12.95
C SER B 94 -1.30 -37.87 14.12
N SER B 95 -0.94 -38.96 14.78
CA SER B 95 -1.67 -39.39 15.94
C SER B 95 -0.70 -40.15 16.84
N GLU B 96 -0.98 -40.09 18.14
CA GLU B 96 -0.19 -40.73 19.20
C GLU B 96 0.16 -42.18 18.83
N GLY B 97 -0.81 -42.94 18.34
CA GLY B 97 -0.57 -44.31 17.89
C GLY B 97 -1.87 -44.89 17.41
N LEU B 98 -1.95 -45.30 16.12
CA LEU B 98 -3.22 -45.68 15.48
C LEU B 98 -3.78 -47.00 16.01
N TRP B 99 -3.02 -47.69 16.86
CA TRP B 99 -3.49 -48.91 17.50
C TRP B 99 -4.28 -48.64 18.79
N GLN B 100 -4.32 -47.40 19.29
CA GLN B 100 -4.93 -47.20 20.61
C GLN B 100 -6.42 -46.86 20.45
N VAL B 101 -7.23 -47.21 21.46
CA VAL B 101 -8.64 -46.82 21.51
C VAL B 101 -8.73 -45.31 21.69
N GLY B 102 -9.47 -44.63 20.80
CA GLY B 102 -9.76 -43.20 20.94
C GLY B 102 -8.67 -42.30 20.35
N ASP B 103 -7.79 -42.88 19.51
CA ASP B 103 -6.65 -42.22 18.92
C ASP B 103 -7.14 -41.06 18.08
N GLU B 104 -6.57 -39.86 18.33
CA GLU B 104 -7.00 -38.60 17.75
C GLU B 104 -5.99 -38.12 16.72
N GLN B 105 -6.49 -37.76 15.53
CA GLN B 105 -5.63 -37.27 14.47
C GLN B 105 -5.60 -35.73 14.44
N TYR B 106 -4.38 -35.18 14.37
CA TYR B 106 -4.16 -33.75 14.18
C TYR B 106 -3.69 -33.53 12.75
N PHE B 107 -4.33 -32.57 12.08
CA PHE B 107 -4.09 -32.38 10.66
C PHE B 107 -3.09 -31.24 10.50
N GLY B 108 -2.27 -31.33 9.46
CA GLY B 108 -1.53 -30.18 9.01
C GLY B 108 -2.45 -29.26 8.22
N PRO B 109 -1.95 -28.07 7.84
CA PRO B 109 -2.74 -27.06 7.15
C PRO B 109 -3.13 -27.45 5.73
N GLY B 110 -2.50 -28.50 5.17
CA GLY B 110 -2.83 -28.90 3.80
C GLY B 110 -1.96 -28.23 2.74
N THR B 111 -1.89 -28.83 1.56
CA THR B 111 -1.16 -28.29 0.42
C THR B 111 -2.09 -28.36 -0.79
N ARG B 112 -2.42 -27.20 -1.37
CA ARG B 112 -3.20 -27.13 -2.58
C ARG B 112 -2.23 -27.26 -3.74
N LEU B 113 -2.41 -28.32 -4.51
CA LEU B 113 -1.55 -28.63 -5.63
C LEU B 113 -2.39 -28.69 -6.90
N THR B 114 -1.87 -28.02 -7.93
CA THR B 114 -2.46 -27.99 -9.25
C THR B 114 -1.45 -28.57 -10.23
N VAL B 115 -1.89 -29.57 -11.02
CA VAL B 115 -1.11 -30.07 -12.15
C VAL B 115 -1.73 -29.60 -13.47
N THR B 116 -0.94 -28.86 -14.28
CA THR B 116 -1.33 -28.46 -15.63
C THR B 116 -0.38 -29.04 -16.67
N GLU B 117 -0.86 -29.06 -17.93
CA GLU B 117 -0.16 -29.62 -19.08
C GLU B 117 0.96 -28.66 -19.48
N ASP B 118 0.78 -27.40 -19.12
CA ASP B 118 1.68 -26.37 -19.60
C ASP B 118 1.70 -25.24 -18.58
N LEU B 119 2.90 -24.86 -18.15
CA LEU B 119 3.06 -23.76 -17.20
C LEU B 119 2.66 -22.42 -17.81
N LYS B 120 2.45 -22.36 -19.13
CA LYS B 120 1.98 -21.14 -19.76
C LYS B 120 0.57 -20.78 -19.30
N ASN B 121 -0.10 -21.68 -18.57
CA ASN B 121 -1.48 -21.45 -18.13
C ASN B 121 -1.53 -20.72 -16.80
N VAL B 122 -0.37 -20.51 -16.16
CA VAL B 122 -0.29 -19.84 -14.88
C VAL B 122 -0.35 -18.33 -15.12
N PHE B 123 -1.18 -17.63 -14.33
CA PHE B 123 -1.33 -16.19 -14.40
C PHE B 123 -1.50 -15.61 -13.01
N PRO B 124 -0.79 -14.50 -12.66
CA PRO B 124 -1.05 -13.79 -11.40
C PRO B 124 -2.38 -13.05 -11.57
N PRO B 125 -3.02 -12.60 -10.47
CA PRO B 125 -4.26 -11.88 -10.60
C PRO B 125 -4.06 -10.43 -11.03
N GLU B 126 -5.02 -9.90 -11.80
CA GLU B 126 -5.24 -8.47 -11.87
C GLU B 126 -6.10 -8.09 -10.67
N VAL B 127 -5.80 -6.94 -10.06
CA VAL B 127 -6.45 -6.53 -8.82
C VAL B 127 -6.94 -5.10 -8.99
N ALA B 128 -8.20 -4.86 -8.65
CA ALA B 128 -8.72 -3.51 -8.72
C ALA B 128 -9.65 -3.25 -7.53
N VAL B 129 -9.68 -1.99 -7.11
CA VAL B 129 -10.58 -1.52 -6.07
C VAL B 129 -11.62 -0.61 -6.69
N PHE B 130 -12.90 -0.97 -6.47
CA PHE B 130 -14.06 -0.23 -6.91
C PHE B 130 -14.64 0.53 -5.71
N GLU B 131 -14.79 1.85 -5.90
CA GLU B 131 -15.12 2.84 -4.89
C GLU B 131 -16.61 2.80 -4.53
N PRO B 132 -17.00 3.20 -3.30
CA PRO B 132 -18.43 3.30 -2.93
C PRO B 132 -19.23 4.19 -3.86
N SER B 133 -20.46 3.79 -4.09
CA SER B 133 -21.48 4.51 -4.80
C SER B 133 -21.88 5.73 -3.97
N GLU B 134 -22.05 6.88 -4.64
CA GLU B 134 -22.51 8.06 -3.94
C GLU B 134 -23.96 7.88 -3.50
N ALA B 135 -24.70 7.07 -4.26
CA ALA B 135 -26.09 6.77 -3.97
C ALA B 135 -26.20 5.90 -2.72
N GLU B 136 -25.23 4.98 -2.53
CA GLU B 136 -25.20 4.16 -1.32
C GLU B 136 -24.91 5.08 -0.14
N ILE B 137 -23.92 5.97 -0.32
CA ILE B 137 -23.50 6.85 0.75
C ILE B 137 -24.67 7.73 1.18
N SER B 138 -25.46 8.21 0.20
CA SER B 138 -26.58 9.09 0.46
C SER B 138 -27.69 8.32 1.17
N HIS B 139 -27.98 7.12 0.65
CA HIS B 139 -29.11 6.32 1.11
C HIS B 139 -28.86 5.76 2.52
N THR B 140 -27.61 5.41 2.84
CA THR B 140 -27.40 4.52 3.98
C THR B 140 -26.47 5.16 4.98
N GLN B 141 -25.70 6.16 4.55
CA GLN B 141 -24.64 6.73 5.37
C GLN B 141 -23.58 5.66 5.63
N LYS B 142 -23.48 4.68 4.72
CA LYS B 142 -22.42 3.67 4.73
C LYS B 142 -21.79 3.64 3.33
N ALA B 143 -20.60 3.06 3.24
CA ALA B 143 -19.89 2.99 1.98
C ALA B 143 -19.22 1.62 1.85
N THR B 144 -19.51 0.93 0.75
CA THR B 144 -18.97 -0.41 0.51
C THR B 144 -17.95 -0.35 -0.63
N LEU B 145 -16.70 -0.70 -0.32
CA LEU B 145 -15.71 -0.91 -1.37
C LEU B 145 -15.78 -2.36 -1.83
N VAL B 146 -15.35 -2.55 -3.08
CA VAL B 146 -15.24 -3.88 -3.60
C VAL B 146 -13.85 -4.07 -4.20
N CYS B 147 -13.23 -5.19 -3.83
CA CYS B 147 -12.00 -5.59 -4.46
C CYS B 147 -12.26 -6.79 -5.38
N LEU B 148 -11.72 -6.73 -6.61
CA LEU B 148 -11.79 -7.84 -7.55
C LEU B 148 -10.38 -8.32 -7.85
N ALA B 149 -10.17 -9.64 -7.73
CA ALA B 149 -8.99 -10.30 -8.30
C ALA B 149 -9.46 -11.17 -9.45
N THR B 150 -8.88 -10.94 -10.63
CA THR B 150 -9.39 -11.56 -11.86
C THR B 150 -8.24 -12.13 -12.70
N GLY B 151 -8.57 -13.13 -13.51
CA GLY B 151 -7.66 -13.68 -14.50
C GLY B 151 -6.53 -14.57 -13.95
N PHE B 152 -6.62 -15.03 -12.69
CA PHE B 152 -5.53 -15.80 -12.11
C PHE B 152 -5.72 -17.31 -12.24
N TYR B 153 -4.58 -18.03 -12.25
CA TYR B 153 -4.52 -19.49 -12.31
C TYR B 153 -3.15 -19.94 -11.83
N PRO B 154 -3.03 -20.96 -10.95
CA PRO B 154 -4.17 -21.67 -10.36
C PRO B 154 -4.92 -20.76 -9.37
N ASP B 155 -5.98 -21.30 -8.76
CA ASP B 155 -6.79 -20.54 -7.82
C ASP B 155 -6.11 -20.51 -6.44
N HIS B 156 -4.86 -20.03 -6.38
CA HIS B 156 -4.10 -20.11 -5.16
C HIS B 156 -3.84 -18.68 -4.66
N VAL B 157 -4.86 -18.02 -4.11
CA VAL B 157 -4.74 -16.63 -3.73
C VAL B 157 -5.18 -16.47 -2.27
N GLU B 158 -4.71 -15.40 -1.60
CA GLU B 158 -5.18 -14.99 -0.27
C GLU B 158 -5.47 -13.48 -0.26
N LEU B 159 -6.72 -13.11 0.02
CA LEU B 159 -7.06 -11.70 -0.09
C LEU B 159 -7.26 -11.12 1.31
N SER B 160 -6.66 -9.96 1.53
CA SER B 160 -6.81 -9.22 2.77
C SER B 160 -6.95 -7.73 2.49
N TRP B 161 -7.57 -7.03 3.45
CA TRP B 161 -7.80 -5.59 3.32
C TRP B 161 -6.91 -4.87 4.33
N TRP B 162 -6.34 -3.74 3.91
CA TRP B 162 -5.48 -2.92 4.74
C TRP B 162 -5.98 -1.47 4.72
N VAL B 163 -6.36 -0.95 5.90
CA VAL B 163 -6.84 0.41 5.98
C VAL B 163 -5.85 1.22 6.82
N ASN B 164 -5.21 2.21 6.20
CA ASN B 164 -4.23 3.06 6.84
C ASN B 164 -3.11 2.22 7.47
N GLY B 165 -2.60 1.21 6.75
CA GLY B 165 -1.45 0.45 7.19
C GLY B 165 -1.78 -0.67 8.19
N LYS B 166 -3.07 -0.89 8.49
CA LYS B 166 -3.44 -1.96 9.38
C LYS B 166 -4.46 -2.89 8.70
N GLU B 167 -4.21 -4.20 8.85
CA GLU B 167 -5.07 -5.26 8.34
C GLU B 167 -6.40 -5.26 9.11
N VAL B 168 -7.51 -5.40 8.39
CA VAL B 168 -8.81 -5.25 9.02
C VAL B 168 -9.67 -6.47 8.72
N HIS B 169 -10.56 -6.79 9.66
CA HIS B 169 -11.53 -7.87 9.46
C HIS B 169 -12.94 -7.36 9.67
N SER B 170 -13.08 -6.36 10.53
CA SER B 170 -14.40 -5.82 10.77
C SER B 170 -14.93 -5.24 9.47
N GLY B 171 -16.14 -5.65 9.06
CA GLY B 171 -16.84 -5.08 7.92
C GLY B 171 -16.43 -5.75 6.59
N VAL B 172 -15.65 -6.84 6.66
CA VAL B 172 -15.08 -7.49 5.49
C VAL B 172 -15.84 -8.79 5.21
N CYS B 173 -16.21 -9.00 3.93
CA CYS B 173 -16.63 -10.31 3.48
C CYS B 173 -15.87 -10.70 2.21
N THR B 174 -15.23 -11.88 2.24
CA THR B 174 -14.56 -12.46 1.08
C THR B 174 -15.32 -13.72 0.65
N ASP B 175 -15.57 -13.84 -0.67
CA ASP B 175 -16.14 -15.06 -1.19
C ASP B 175 -15.37 -16.23 -0.59
N PRO B 176 -16.08 -17.28 -0.09
CA PRO B 176 -15.42 -18.46 0.46
C PRO B 176 -14.44 -19.03 -0.57
N GLN B 177 -14.81 -18.90 -1.86
CA GLN B 177 -14.14 -19.59 -2.94
C GLN B 177 -14.04 -18.73 -4.20
N PRO B 178 -12.87 -18.73 -4.85
CA PRO B 178 -12.73 -18.15 -6.19
C PRO B 178 -13.67 -18.87 -7.17
N LEU B 179 -14.33 -18.10 -8.06
CA LEU B 179 -15.16 -18.73 -9.08
C LEU B 179 -14.37 -18.90 -10.39
N LYS B 180 -14.78 -19.88 -11.21
CA LYS B 180 -14.15 -20.14 -12.50
C LYS B 180 -14.73 -19.19 -13.54
N GLU B 181 -13.88 -18.46 -14.27
CA GLU B 181 -14.42 -17.60 -15.31
C GLU B 181 -14.98 -18.44 -16.47
N GLN B 182 -14.50 -19.67 -16.61
CA GLN B 182 -14.97 -20.53 -17.69
C GLN B 182 -15.17 -21.92 -17.11
N PRO B 183 -16.29 -22.13 -16.37
CA PRO B 183 -16.52 -23.33 -15.58
C PRO B 183 -16.37 -24.65 -16.33
N ALA B 184 -16.52 -24.60 -17.66
CA ALA B 184 -16.41 -25.79 -18.48
C ALA B 184 -14.96 -26.23 -18.64
N LEU B 185 -14.03 -25.27 -18.67
CA LEU B 185 -12.64 -25.48 -19.03
C LEU B 185 -11.85 -25.98 -17.83
N ASN B 186 -10.84 -26.81 -18.08
CA ASN B 186 -10.01 -27.34 -17.01
C ASN B 186 -8.93 -26.32 -16.64
N ASP B 187 -8.57 -25.46 -17.60
CA ASP B 187 -7.55 -24.47 -17.40
C ASP B 187 -8.20 -23.09 -17.21
N SER B 188 -9.48 -23.08 -16.84
CA SER B 188 -10.12 -21.81 -16.51
C SER B 188 -9.25 -21.02 -15.54
N ARG B 189 -9.16 -19.71 -15.83
CA ARG B 189 -8.71 -18.67 -14.91
C ARG B 189 -9.83 -18.31 -13.93
N TYR B 190 -9.45 -17.72 -12.78
CA TYR B 190 -10.36 -17.54 -11.67
C TYR B 190 -10.55 -16.07 -11.30
N ALA B 191 -11.60 -15.83 -10.52
CA ALA B 191 -11.94 -14.52 -9.98
C ALA B 191 -12.37 -14.66 -8.52
N LEU B 192 -12.02 -13.68 -7.69
CA LEU B 192 -12.38 -13.57 -6.28
C LEU B 192 -12.78 -12.15 -5.93
N SER B 193 -13.92 -11.99 -5.26
CA SER B 193 -14.34 -10.68 -4.77
C SER B 193 -14.39 -10.66 -3.24
N SER B 194 -14.17 -9.47 -2.70
CA SER B 194 -14.33 -9.15 -1.29
C SER B 194 -15.01 -7.79 -1.20
N ARG B 195 -15.74 -7.57 -0.10
CA ARG B 195 -16.28 -6.25 0.17
C ARG B 195 -15.68 -5.74 1.47
N LEU B 196 -15.58 -4.41 1.56
CA LEU B 196 -15.25 -3.80 2.83
C LEU B 196 -16.18 -2.62 3.01
N ARG B 197 -16.94 -2.64 4.10
CA ARG B 197 -17.93 -1.59 4.28
C ARG B 197 -17.57 -0.75 5.50
N VAL B 198 -17.58 0.58 5.32
CA VAL B 198 -17.24 1.52 6.37
C VAL B 198 -18.34 2.58 6.41
N SER B 199 -18.34 3.42 7.44
CA SER B 199 -19.26 4.53 7.49
C SER B 199 -18.93 5.50 6.37
N ALA B 200 -19.95 6.26 5.94
CA ALA B 200 -19.84 7.40 5.03
C ALA B 200 -18.75 8.38 5.44
N THR B 201 -18.72 8.79 6.71
CA THR B 201 -17.77 9.83 7.11
C THR B 201 -16.35 9.27 7.05
N PHE B 202 -16.23 7.97 7.29
CA PHE B 202 -14.93 7.32 7.16
C PHE B 202 -14.44 7.41 5.71
N TRP B 203 -15.30 7.03 4.75
CA TRP B 203 -14.95 7.08 3.34
C TRP B 203 -14.66 8.53 2.94
N GLN B 204 -15.40 9.48 3.52
CA GLN B 204 -15.41 10.86 3.04
C GLN B 204 -14.16 11.59 3.54
N ASN B 205 -13.38 10.94 4.43
CA ASN B 205 -12.11 11.48 4.88
C ASN B 205 -11.03 11.17 3.84
N PRO B 206 -10.54 12.21 3.12
CA PRO B 206 -9.54 12.01 2.07
C PRO B 206 -8.22 11.39 2.55
N ARG B 207 -7.98 11.38 3.87
CA ARG B 207 -6.72 10.89 4.39
C ARG B 207 -6.76 9.37 4.52
N ASN B 208 -7.96 8.79 4.51
CA ASN B 208 -8.10 7.35 4.68
C ASN B 208 -7.66 6.61 3.41
N HIS B 209 -6.91 5.53 3.62
CA HIS B 209 -6.28 4.80 2.54
C HIS B 209 -6.77 3.36 2.59
N PHE B 210 -7.34 2.89 1.48
CA PHE B 210 -7.89 1.54 1.44
C PHE B 210 -7.09 0.69 0.45
N ARG B 211 -6.48 -0.39 0.94
CA ARG B 211 -5.63 -1.21 0.10
C ARG B 211 -6.08 -2.67 0.15
N CYS B 212 -6.37 -3.22 -1.03
CA CYS B 212 -6.69 -4.61 -1.17
C CYS B 212 -5.42 -5.38 -1.53
N GLN B 213 -5.10 -6.47 -0.80
CA GLN B 213 -3.83 -7.17 -0.96
C GLN B 213 -4.05 -8.64 -1.35
N VAL B 214 -3.76 -9.00 -2.60
CA VAL B 214 -3.89 -10.38 -3.00
C VAL B 214 -2.50 -11.03 -3.07
N GLN B 215 -2.27 -11.99 -2.17
CA GLN B 215 -1.15 -12.92 -2.24
C GLN B 215 -1.47 -13.99 -3.28
N PHE B 216 -0.57 -14.12 -4.26
CA PHE B 216 -0.71 -15.16 -5.26
C PHE B 216 0.45 -16.13 -5.14
N TYR B 217 0.16 -17.43 -5.21
CA TYR B 217 1.23 -18.41 -5.28
C TYR B 217 1.33 -19.04 -6.65
N GLY B 218 2.53 -19.03 -7.21
CA GLY B 218 2.74 -19.39 -8.60
C GLY B 218 3.99 -20.24 -8.80
N LEU B 219 4.74 -19.94 -9.86
CA LEU B 219 5.93 -20.70 -10.22
C LEU B 219 7.06 -20.30 -9.27
N SER B 220 7.98 -21.23 -9.03
CA SER B 220 9.14 -20.92 -8.21
C SER B 220 10.21 -20.26 -9.06
N GLU B 221 11.30 -19.85 -8.40
CA GLU B 221 12.45 -19.31 -9.10
C GLU B 221 12.99 -20.39 -10.03
N ASN B 222 12.94 -21.66 -9.57
CA ASN B 222 13.53 -22.78 -10.27
C ASN B 222 12.88 -22.96 -11.64
N ASP B 223 11.57 -22.69 -11.73
CA ASP B 223 10.80 -23.00 -12.93
C ASP B 223 11.30 -22.17 -14.11
N GLU B 224 11.26 -22.81 -15.29
CA GLU B 224 11.81 -22.22 -16.50
C GLU B 224 10.70 -21.48 -17.24
N TRP B 225 11.04 -20.27 -17.71
CA TRP B 225 10.10 -19.41 -18.41
C TRP B 225 10.68 -18.94 -19.74
N THR B 226 9.90 -19.10 -20.82
CA THR B 226 10.33 -18.79 -22.17
C THR B 226 9.35 -17.81 -22.82
N GLN B 227 8.15 -17.69 -22.22
CA GLN B 227 7.08 -16.83 -22.71
C GLN B 227 7.51 -15.37 -22.64
N ASP B 228 6.94 -14.57 -23.55
CA ASP B 228 7.26 -13.15 -23.75
C ASP B 228 6.76 -12.31 -22.57
N ARG B 229 5.73 -12.80 -21.85
CA ARG B 229 5.16 -12.06 -20.74
C ARG B 229 5.93 -12.37 -19.45
N ALA B 230 5.57 -11.67 -18.37
CA ALA B 230 6.32 -11.76 -17.13
C ALA B 230 6.13 -13.14 -16.51
N LYS B 231 7.22 -13.71 -15.99
CA LYS B 231 7.21 -14.99 -15.29
C LYS B 231 6.24 -14.95 -14.11
N PRO B 232 5.14 -15.73 -14.15
CA PRO B 232 4.11 -15.64 -13.10
C PRO B 232 4.47 -16.26 -11.75
N VAL B 233 5.37 -15.58 -11.00
CA VAL B 233 5.91 -16.09 -9.75
C VAL B 233 4.94 -15.82 -8.62
N THR B 234 5.11 -16.55 -7.52
CA THR B 234 4.51 -16.20 -6.25
C THR B 234 4.72 -14.70 -6.02
N GLN B 235 3.62 -13.96 -5.81
CA GLN B 235 3.78 -12.53 -5.60
C GLN B 235 2.55 -11.97 -4.93
N ILE B 236 2.67 -10.77 -4.41
CA ILE B 236 1.55 -9.98 -3.92
C ILE B 236 1.21 -8.90 -4.94
N VAL B 237 -0.09 -8.72 -5.20
CA VAL B 237 -0.57 -7.60 -5.97
C VAL B 237 -1.53 -6.79 -5.11
N SER B 238 -1.41 -5.46 -5.13
CA SER B 238 -2.32 -4.58 -4.38
C SER B 238 -3.09 -3.65 -5.32
N ALA B 239 -4.26 -3.24 -4.89
CA ALA B 239 -4.89 -2.07 -5.49
C ALA B 239 -5.42 -1.19 -4.37
N GLU B 240 -5.51 0.10 -4.64
CA GLU B 240 -5.66 1.13 -3.63
C GLU B 240 -6.83 2.03 -3.99
N ALA B 241 -7.44 2.60 -2.95
CA ALA B 241 -8.32 3.74 -3.07
C ALA B 241 -8.02 4.70 -1.91
N TRP B 242 -8.42 5.96 -2.10
CA TRP B 242 -8.34 7.02 -1.12
C TRP B 242 -9.71 7.61 -0.88
N GLY B 243 -9.96 8.03 0.38
CA GLY B 243 -11.17 8.76 0.72
C GLY B 243 -11.42 9.97 -0.18
N ARG B 244 -12.70 10.40 -0.25
CA ARG B 244 -13.11 11.58 -1.00
C ARG B 244 -14.41 12.11 -0.40
N ALA B 245 -14.38 13.40 -0.02
CA ALA B 245 -15.48 14.09 0.61
C ALA B 245 -16.64 14.26 -0.38
N GLU C 4 19.60 49.11 0.38
CA GLU C 4 19.34 47.67 0.08
C GLU C 4 19.88 46.80 1.20
N VAL C 5 19.84 45.48 0.97
CA VAL C 5 20.60 44.53 1.74
C VAL C 5 21.36 43.66 0.76
N GLU C 6 22.60 43.38 1.13
CA GLU C 6 23.41 42.43 0.38
C GLU C 6 23.91 41.36 1.36
N GLN C 7 23.78 40.09 0.97
CA GLN C 7 24.34 39.05 1.83
C GLN C 7 25.23 38.12 1.02
N ASP C 8 25.91 37.23 1.75
CA ASP C 8 26.80 36.25 1.15
C ASP C 8 26.11 35.55 -0.03
N PRO C 9 26.76 35.51 -1.21
CA PRO C 9 26.17 34.92 -2.40
C PRO C 9 25.94 33.43 -2.14
N GLY C 10 26.98 32.78 -1.60
CA GLY C 10 26.93 31.35 -1.33
C GLY C 10 27.08 30.55 -2.63
N PRO C 11 26.65 29.27 -2.67
CA PRO C 11 26.19 28.57 -1.46
C PRO C 11 27.37 28.28 -0.55
N PHE C 12 27.10 27.93 0.71
CA PHE C 12 28.14 27.60 1.67
C PHE C 12 28.09 26.10 1.93
N ASN C 13 29.27 25.47 2.00
CA ASN C 13 29.42 24.10 2.45
C ASN C 13 30.11 24.06 3.80
N VAL C 14 29.41 23.50 4.80
CA VAL C 14 29.95 23.39 6.14
C VAL C 14 29.90 21.94 6.63
N PRO C 15 31.06 21.40 7.08
CA PRO C 15 31.12 20.03 7.61
C PRO C 15 30.18 19.92 8.81
N GLU C 16 29.51 18.75 8.90
CA GLU C 16 28.55 18.49 9.96
C GLU C 16 29.22 18.69 11.31
N GLY C 17 28.59 19.50 12.19
CA GLY C 17 29.13 19.82 13.51
C GLY C 17 29.98 21.10 13.54
N ALA C 18 30.52 21.52 12.38
CA ALA C 18 31.35 22.72 12.31
C ALA C 18 30.50 23.99 12.34
N THR C 19 31.15 25.15 12.64
CA THR C 19 30.49 26.43 12.81
C THR C 19 30.34 27.16 11.48
N VAL C 20 29.15 27.73 11.21
CA VAL C 20 29.00 28.52 9.99
C VAL C 20 28.63 29.96 10.37
N ALA C 21 29.15 30.94 9.62
CA ALA C 21 28.90 32.38 9.86
C ALA C 21 28.23 33.05 8.66
N PHE C 22 27.20 33.86 8.92
CA PHE C 22 26.61 34.61 7.83
C PHE C 22 26.74 36.12 8.06
N ASN C 23 26.83 36.90 6.98
CA ASN C 23 26.97 38.33 7.19
C ASN C 23 26.12 39.08 6.19
N CYS C 24 25.63 40.25 6.60
CA CYS C 24 24.73 41.02 5.76
C CYS C 24 24.97 42.51 6.02
N THR C 25 25.11 43.27 4.93
CA THR C 25 25.24 44.71 5.02
C THR C 25 23.92 45.35 4.59
N TYR C 26 23.62 46.48 5.19
CA TYR C 26 22.45 47.21 4.74
C TYR C 26 22.86 48.68 4.63
N SER C 27 22.40 49.38 3.60
CA SER C 27 22.91 50.73 3.35
C SER C 27 22.14 51.78 4.17
N ASN C 28 20.86 51.54 4.47
CA ASN C 28 20.01 52.54 5.07
C ASN C 28 20.22 52.57 6.59
N SER C 29 20.97 53.57 7.07
CA SER C 29 21.39 53.65 8.46
C SER C 29 20.25 53.98 9.43
N ALA C 30 19.08 54.39 8.93
CA ALA C 30 17.97 54.58 9.86
C ALA C 30 17.01 53.39 9.81
N SER C 31 17.49 52.23 9.35
CA SER C 31 16.71 51.00 9.41
C SER C 31 16.38 50.66 10.87
N GLN C 32 15.16 50.15 11.11
CA GLN C 32 14.67 49.99 12.47
C GLN C 32 14.83 48.58 13.05
N SER C 33 14.61 47.54 12.28
CA SER C 33 14.46 46.19 12.85
C SER C 33 15.14 45.19 11.95
N PHE C 34 15.57 44.07 12.54
CA PHE C 34 16.41 43.12 11.83
C PHE C 34 16.08 41.68 12.17
N PHE C 35 16.12 40.84 11.13
CA PHE C 35 15.78 39.43 11.26
C PHE C 35 16.65 38.59 10.34
N TRP C 36 16.81 37.32 10.76
CA TRP C 36 17.23 36.21 9.94
C TRP C 36 16.04 35.27 9.77
N TYR C 37 15.71 34.94 8.51
CA TYR C 37 14.67 33.99 8.22
C TYR C 37 15.31 32.78 7.55
N ARG C 38 14.64 31.65 7.72
CA ARG C 38 15.11 30.39 7.17
C ARG C 38 14.04 29.81 6.24
N GLN C 39 14.48 29.33 5.08
CA GLN C 39 13.52 28.76 4.14
C GLN C 39 14.08 27.43 3.64
N ASP C 40 13.42 26.34 4.05
CA ASP C 40 13.76 25.02 3.55
C ASP C 40 13.30 24.90 2.10
N CYS C 41 13.83 23.89 1.41
CA CYS C 41 13.53 23.70 0.00
C CYS C 41 12.01 23.51 -0.18
N ARG C 42 11.45 24.19 -1.18
CA ARG C 42 10.04 24.09 -1.52
C ARG C 42 9.15 24.38 -0.31
N LYS C 43 9.60 25.22 0.63
CA LYS C 43 8.70 25.62 1.70
C LYS C 43 8.72 27.14 1.83
N GLU C 44 8.03 27.67 2.86
CA GLU C 44 7.91 29.11 3.08
C GLU C 44 8.99 29.61 4.03
N PRO C 45 9.31 30.93 4.01
CA PRO C 45 10.25 31.53 4.94
C PRO C 45 9.72 31.51 6.36
N LYS C 46 10.61 31.30 7.33
CA LYS C 46 10.20 31.27 8.73
C LYS C 46 11.21 32.06 9.56
N LEU C 47 10.65 32.86 10.47
CA LEU C 47 11.49 33.63 11.37
C LEU C 47 12.40 32.67 12.14
N LEU C 48 13.70 32.96 12.07
CA LEU C 48 14.69 32.25 12.86
C LEU C 48 15.10 33.08 14.06
N MET C 49 15.45 34.36 13.88
CA MET C 49 15.54 35.21 15.05
C MET C 49 15.54 36.68 14.65
N SER C 50 15.09 37.49 15.60
CA SER C 50 15.23 38.92 15.56
C SER C 50 16.65 39.25 16.01
N VAL C 51 17.14 40.41 15.57
CA VAL C 51 18.54 40.80 15.74
C VAL C 51 18.61 42.14 16.47
N TYR C 52 19.34 42.18 17.59
CA TYR C 52 19.46 43.39 18.39
C TYR C 52 20.93 43.71 18.62
N SER C 53 21.22 44.98 18.92
CA SER C 53 22.55 45.36 19.39
C SER C 53 22.86 44.62 20.68
N SER C 54 21.80 44.33 21.45
CA SER C 54 21.88 43.56 22.69
C SER C 54 22.57 42.21 22.48
N GLY C 55 22.53 41.69 21.25
CA GLY C 55 22.88 40.30 21.04
C GLY C 55 21.70 39.36 21.32
N ASN C 56 21.70 38.20 20.66
CA ASN C 56 20.59 37.27 20.71
C ASN C 56 21.15 35.85 20.66
N GLU C 57 20.64 35.00 21.55
CA GLU C 57 21.10 33.62 21.64
C GLU C 57 19.91 32.68 21.75
N ASP C 58 19.77 31.81 20.75
CA ASP C 58 18.83 30.69 20.78
C ASP C 58 19.58 29.41 20.43
N GLY C 59 19.93 28.62 21.45
CA GLY C 59 20.57 27.31 21.29
C GLY C 59 21.89 27.39 20.52
N ARG C 60 21.94 26.74 19.36
CA ARG C 60 23.11 26.70 18.52
C ARG C 60 23.28 28.01 17.72
N PHE C 61 22.32 28.95 17.81
CA PHE C 61 22.28 30.11 16.93
C PHE C 61 22.57 31.39 17.70
N THR C 62 23.42 32.22 17.11
CA THR C 62 23.69 33.55 17.66
C THR C 62 23.65 34.58 16.54
N ALA C 63 23.13 35.75 16.85
CA ALA C 63 22.97 36.81 15.88
C ALA C 63 23.51 38.09 16.49
N GLN C 64 24.03 38.97 15.64
CA GLN C 64 24.52 40.23 16.14
C GLN C 64 24.10 41.34 15.18
N LEU C 65 23.80 42.52 15.73
CA LEU C 65 23.55 43.72 14.95
C LEU C 65 24.68 44.67 15.29
N ASN C 66 25.28 45.27 14.26
CA ASN C 66 26.18 46.39 14.49
C ASN C 66 25.69 47.58 13.67
N ARG C 67 25.08 48.54 14.35
CA ARG C 67 24.45 49.68 13.69
C ARG C 67 25.49 50.70 13.24
N ALA C 68 26.55 50.90 14.04
CA ALA C 68 27.61 51.82 13.61
C ALA C 68 28.12 51.41 12.23
N SER C 69 28.30 50.09 12.03
CA SER C 69 28.93 49.57 10.83
C SER C 69 27.92 49.05 9.81
N GLN C 70 26.64 48.99 10.19
CA GLN C 70 25.56 48.55 9.32
C GLN C 70 25.80 47.12 8.80
N TYR C 71 26.01 46.18 9.71
CA TYR C 71 25.90 44.77 9.36
C TYR C 71 25.08 43.97 10.38
N ILE C 72 24.48 42.88 9.90
CA ILE C 72 24.01 41.85 10.81
C ILE C 72 24.69 40.51 10.51
N SER C 73 24.81 39.70 11.57
CA SER C 73 25.46 38.41 11.48
C SER C 73 24.56 37.32 12.04
N LEU C 74 24.85 36.09 11.61
CA LEU C 74 24.31 34.86 12.17
C LEU C 74 25.45 33.86 12.32
N LEU C 75 25.49 33.20 13.48
CA LEU C 75 26.47 32.15 13.76
C LEU C 75 25.72 30.88 14.16
N ILE C 76 26.04 29.76 13.48
CA ILE C 76 25.43 28.48 13.78
C ILE C 76 26.53 27.54 14.25
N ARG C 77 26.47 27.18 15.54
CA ARG C 77 27.41 26.21 16.11
C ARG C 77 26.85 24.80 15.96
N ASP C 78 27.75 23.81 15.91
CA ASP C 78 27.36 22.40 15.82
C ASP C 78 26.28 22.24 14.75
N SER C 79 26.59 22.66 13.51
CA SER C 79 25.71 22.46 12.37
C SER C 79 25.17 21.04 12.33
N LYS C 80 23.85 20.93 12.09
CA LYS C 80 23.22 19.64 11.81
C LYS C 80 22.85 19.57 10.34
N LEU C 81 22.71 18.33 9.82
CA LEU C 81 22.21 18.13 8.47
C LEU C 81 20.93 18.92 8.22
N SER C 82 20.15 19.16 9.28
CA SER C 82 18.80 19.65 9.09
C SER C 82 18.82 21.18 9.04
N ASP C 83 20.01 21.76 9.20
CA ASP C 83 20.25 23.19 9.08
C ASP C 83 20.41 23.59 7.62
N SER C 84 20.64 22.61 6.76
CA SER C 84 20.72 22.85 5.33
C SER C 84 19.42 23.50 4.85
N ALA C 85 19.56 24.72 4.29
CA ALA C 85 18.43 25.57 3.93
C ALA C 85 18.98 26.89 3.37
N THR C 86 18.09 27.82 2.98
CA THR C 86 18.51 29.16 2.59
C THR C 86 18.23 30.13 3.73
N TYR C 87 19.22 30.98 4.05
CA TYR C 87 19.17 31.96 5.12
C TYR C 87 19.00 33.36 4.54
N LEU C 88 17.89 34.00 4.91
CA LEU C 88 17.52 35.30 4.38
C LEU C 88 17.76 36.35 5.45
N CYS C 89 18.56 37.35 5.09
CA CYS C 89 18.69 38.57 5.85
C CYS C 89 17.40 39.34 5.58
N VAL C 90 16.78 39.86 6.64
CA VAL C 90 15.55 40.60 6.47
C VAL C 90 15.62 41.91 7.27
N VAL C 91 15.38 43.04 6.61
CA VAL C 91 15.51 44.34 7.27
C VAL C 91 14.21 45.14 7.15
N GLN C 92 13.77 45.71 8.25
CA GLN C 92 12.64 46.63 8.24
C GLN C 92 13.14 48.06 8.26
N PRO C 93 13.10 48.76 7.10
CA PRO C 93 13.59 50.13 7.01
C PRO C 93 12.76 51.07 7.89
N GLY C 94 11.44 50.82 7.90
CA GLY C 94 10.44 51.58 8.65
C GLY C 94 10.18 52.96 8.04
N GLY C 95 8.90 53.32 7.87
CA GLY C 95 8.58 54.69 7.51
C GLY C 95 8.19 54.90 6.05
N TYR C 96 9.15 54.70 5.15
CA TYR C 96 8.96 55.05 3.75
C TYR C 96 9.12 53.85 2.80
N GLN C 97 9.88 52.83 3.22
CA GLN C 97 10.12 51.72 2.30
C GLN C 97 9.54 50.45 2.88
N LYS C 98 9.31 49.48 1.99
CA LYS C 98 8.81 48.16 2.33
C LYS C 98 9.94 47.35 2.96
N VAL C 99 9.59 46.21 3.57
CA VAL C 99 10.59 45.31 4.15
C VAL C 99 11.41 44.68 3.02
N THR C 100 12.72 44.60 3.21
CA THR C 100 13.56 43.94 2.22
C THR C 100 13.94 42.53 2.69
N PHE C 101 13.68 41.56 1.81
CA PHE C 101 14.18 40.19 1.90
C PHE C 101 15.42 40.04 1.02
N GLY C 102 16.55 39.66 1.64
CA GLY C 102 17.70 39.23 0.86
C GLY C 102 17.39 38.01 0.00
N THR C 103 18.17 37.82 -1.08
CA THR C 103 18.09 36.65 -1.94
C THR C 103 18.46 35.39 -1.16
N GLY C 104 19.24 35.57 -0.08
CA GLY C 104 19.52 34.47 0.82
C GLY C 104 20.86 33.80 0.54
N THR C 105 21.38 33.09 1.55
CA THR C 105 22.57 32.30 1.41
C THR C 105 22.21 30.84 1.65
N LYS C 106 22.45 30.01 0.63
CA LYS C 106 22.21 28.58 0.68
C LYS C 106 23.28 27.90 1.54
N LEU C 107 22.85 27.22 2.63
CA LEU C 107 23.72 26.38 3.43
C LEU C 107 23.52 24.92 3.05
N GLN C 108 24.63 24.24 2.80
CA GLN C 108 24.61 22.79 2.72
C GLN C 108 25.54 22.21 3.79
N VAL C 109 24.96 21.41 4.69
CA VAL C 109 25.71 20.80 5.78
C VAL C 109 26.16 19.43 5.31
N ILE C 110 27.48 19.19 5.33
CA ILE C 110 28.06 18.03 4.67
C ILE C 110 28.61 17.08 5.74
N PRO C 111 28.13 15.82 5.79
CA PRO C 111 28.67 14.86 6.74
C PRO C 111 30.02 14.25 6.32
N ASN C 112 30.82 13.88 7.32
CA ASN C 112 31.98 13.04 7.08
C ASN C 112 31.58 11.56 6.91
N ILE C 113 32.10 10.93 5.84
CA ILE C 113 31.95 9.49 5.62
C ILE C 113 33.23 8.79 6.09
N GLN C 114 33.20 8.19 7.29
CA GLN C 114 34.39 7.56 7.85
C GLN C 114 34.98 6.54 6.89
N ASN C 115 34.12 5.69 6.32
CA ASN C 115 34.59 4.51 5.61
C ASN C 115 34.00 4.44 4.19
N PRO C 116 34.46 5.29 3.23
CA PRO C 116 33.91 5.25 1.88
C PRO C 116 33.92 3.82 1.35
N ASP C 117 32.84 3.42 0.67
CA ASP C 117 32.74 2.14 0.00
C ASP C 117 32.08 2.32 -1.38
N PRO C 118 32.68 3.17 -2.25
CA PRO C 118 32.04 3.59 -3.51
C PRO C 118 31.69 2.41 -4.40
N ALA C 119 30.45 2.40 -4.89
CA ALA C 119 29.97 1.25 -5.63
C ALA C 119 28.80 1.69 -6.51
N VAL C 120 28.64 0.98 -7.64
CA VAL C 120 27.54 1.20 -8.56
C VAL C 120 26.77 -0.10 -8.70
N TYR C 121 25.54 -0.12 -8.17
CA TYR C 121 24.72 -1.31 -8.18
C TYR C 121 23.61 -1.17 -9.21
N GLN C 122 23.09 -2.30 -9.70
CA GLN C 122 21.93 -2.28 -10.58
C GLN C 122 20.70 -2.79 -9.82
N LEU C 123 19.64 -2.00 -9.85
CA LEU C 123 18.43 -2.32 -9.11
C LEU C 123 17.32 -2.62 -10.12
N ARG C 124 16.53 -3.68 -9.85
CA ARG C 124 15.48 -4.06 -10.78
C ARG C 124 14.10 -3.61 -10.28
N ASP C 125 13.22 -3.32 -11.24
CA ASP C 125 11.85 -2.89 -10.96
C ASP C 125 11.10 -4.05 -10.33
N SER C 126 10.46 -3.78 -9.18
CA SER C 126 9.60 -4.74 -8.51
C SER C 126 8.50 -5.21 -9.48
N SER C 132 15.01 -0.68 -15.04
CA SER C 132 16.13 -0.78 -14.04
C SER C 132 16.88 0.54 -13.92
N VAL C 133 17.45 0.81 -12.72
CA VAL C 133 18.23 2.02 -12.46
C VAL C 133 19.65 1.67 -12.00
N CYS C 134 20.52 2.67 -12.01
CA CYS C 134 21.85 2.54 -11.44
C CYS C 134 22.01 3.44 -10.20
N LEU C 135 22.45 2.81 -9.10
CA LEU C 135 22.69 3.47 -7.83
C LEU C 135 24.20 3.54 -7.57
N PHE C 136 24.73 4.77 -7.58
CA PHE C 136 26.08 5.06 -7.15
C PHE C 136 26.04 5.52 -5.71
N THR C 137 26.74 4.81 -4.81
CA THR C 137 26.54 5.06 -3.40
C THR C 137 27.82 4.87 -2.59
N ASP C 138 27.80 5.46 -1.40
CA ASP C 138 28.78 5.28 -0.34
C ASP C 138 30.13 5.90 -0.70
N PHE C 139 30.14 6.79 -1.70
CA PHE C 139 31.29 7.61 -1.98
C PHE C 139 31.44 8.66 -0.87
N ASP C 140 32.67 9.17 -0.70
CA ASP C 140 32.96 10.18 0.30
C ASP C 140 32.44 11.53 -0.20
N SER C 141 32.28 12.45 0.74
CA SER C 141 31.45 13.63 0.51
C SER C 141 32.07 14.62 -0.49
N GLN C 142 33.37 14.47 -0.78
CA GLN C 142 34.02 15.38 -1.72
C GLN C 142 34.17 14.72 -3.10
N THR C 143 33.54 13.55 -3.29
CA THR C 143 33.35 13.05 -4.64
C THR C 143 32.15 13.79 -5.20
N ASN C 144 32.29 14.25 -6.44
CA ASN C 144 31.33 15.10 -7.11
C ASN C 144 30.72 14.31 -8.25
N VAL C 145 29.39 14.22 -8.23
CA VAL C 145 28.62 13.62 -9.31
C VAL C 145 28.18 14.73 -10.26
N SER C 146 28.60 14.61 -11.53
CA SER C 146 28.38 15.64 -12.54
C SER C 146 27.04 15.40 -13.25
N GLN C 147 26.51 16.46 -13.86
CA GLN C 147 25.34 16.32 -14.69
C GLN C 147 25.66 15.34 -15.82
N SER C 148 24.63 14.63 -16.29
CA SER C 148 24.74 13.79 -17.48
C SER C 148 24.92 14.66 -18.72
N LYS C 149 25.65 14.13 -19.71
CA LYS C 149 25.76 14.78 -21.00
C LYS C 149 24.66 14.26 -21.92
N ASP C 150 24.29 12.98 -21.75
CA ASP C 150 23.28 12.34 -22.56
C ASP C 150 21.88 12.73 -22.08
N SER C 151 21.07 13.25 -23.02
CA SER C 151 19.70 13.70 -22.78
C SER C 151 18.76 12.54 -22.46
N ASP C 152 19.12 11.33 -22.88
CA ASP C 152 18.26 10.18 -22.65
C ASP C 152 18.73 9.41 -21.40
N VAL C 153 19.77 9.94 -20.74
CA VAL C 153 20.27 9.41 -19.48
C VAL C 153 20.01 10.46 -18.40
N TYR C 154 19.24 10.05 -17.38
CA TYR C 154 18.92 10.97 -16.30
C TYR C 154 19.84 10.69 -15.10
N ILE C 155 20.46 11.74 -14.57
CA ILE C 155 21.32 11.64 -13.40
C ILE C 155 20.90 12.69 -12.36
N THR C 156 20.70 12.18 -11.14
CA THR C 156 20.28 12.97 -9.99
C THR C 156 21.54 13.54 -9.36
N ASP C 157 21.41 14.65 -8.62
CA ASP C 157 22.53 15.19 -7.86
C ASP C 157 22.74 14.29 -6.64
N LYS C 158 23.82 14.53 -5.89
CA LYS C 158 24.09 13.75 -4.68
C LYS C 158 22.96 13.95 -3.66
N CYS C 159 22.74 12.94 -2.81
CA CYS C 159 21.72 12.99 -1.77
C CYS C 159 22.26 12.29 -0.53
N VAL C 160 22.06 12.93 0.62
CA VAL C 160 22.53 12.42 1.90
C VAL C 160 21.36 11.84 2.70
N LEU C 161 21.38 10.52 2.93
CA LEU C 161 20.45 9.84 3.81
C LEU C 161 21.08 9.46 5.16
N ASP C 162 20.24 9.41 6.20
CA ASP C 162 20.65 9.16 7.57
C ASP C 162 19.89 7.96 8.18
N MET C 163 20.57 6.81 8.29
CA MET C 163 20.00 5.70 9.03
C MET C 163 20.24 5.94 10.52
N ARG C 164 19.33 6.74 11.12
CA ARG C 164 19.51 7.29 12.47
C ARG C 164 19.81 6.19 13.49
N SER C 165 19.13 5.05 13.37
CA SER C 165 19.26 3.94 14.29
C SER C 165 20.69 3.40 14.32
N MET C 166 21.38 3.44 13.17
CA MET C 166 22.72 2.89 13.00
C MET C 166 23.78 4.00 13.04
N ASP C 167 23.36 5.25 13.28
CA ASP C 167 24.25 6.40 13.22
C ASP C 167 25.11 6.33 11.96
N PHE C 168 24.46 6.16 10.81
CA PHE C 168 25.13 5.90 9.54
C PHE C 168 24.52 6.79 8.47
N LYS C 169 25.38 7.60 7.85
CA LYS C 169 24.98 8.50 6.78
C LYS C 169 25.68 8.02 5.51
N SER C 170 25.04 8.24 4.36
CA SER C 170 25.66 7.94 3.08
C SER C 170 25.17 8.86 1.98
N ASN C 171 26.00 8.98 0.95
CA ASN C 171 25.68 9.74 -0.23
C ASN C 171 25.31 8.76 -1.35
N SER C 172 24.34 9.16 -2.17
CA SER C 172 24.02 8.39 -3.35
C SER C 172 23.49 9.28 -4.49
N ALA C 173 23.56 8.73 -5.69
CA ALA C 173 23.07 9.34 -6.91
C ALA C 173 22.42 8.26 -7.77
N VAL C 174 21.23 8.57 -8.29
CA VAL C 174 20.52 7.62 -9.12
C VAL C 174 20.71 8.01 -10.59
N ALA C 175 20.85 7.00 -11.45
CA ALA C 175 20.97 7.20 -12.88
C ALA C 175 20.05 6.22 -13.59
N TRP C 176 19.42 6.65 -14.68
CA TRP C 176 18.62 5.72 -15.46
C TRP C 176 18.53 6.16 -16.92
N SER C 177 18.18 5.23 -17.80
CA SER C 177 18.11 5.54 -19.22
C SER C 177 17.10 4.62 -19.88
N ASN C 178 16.55 5.07 -21.01
CA ASN C 178 15.77 4.25 -21.92
C ASN C 178 16.68 3.59 -22.95
N LYS C 179 17.87 4.19 -23.21
CA LYS C 179 18.71 3.80 -24.32
C LYS C 179 19.18 2.36 -24.20
N SER C 180 19.35 1.71 -25.35
CA SER C 180 19.86 0.36 -25.43
C SER C 180 21.37 0.39 -25.20
N ASP C 181 21.88 -0.65 -24.54
CA ASP C 181 23.30 -0.73 -24.21
C ASP C 181 23.66 0.41 -23.27
N PHE C 182 22.69 0.87 -22.47
CA PHE C 182 23.00 1.66 -21.30
C PHE C 182 23.32 0.71 -20.16
N ALA C 183 24.50 0.89 -19.58
CA ALA C 183 25.01 0.00 -18.56
C ALA C 183 25.39 0.81 -17.33
N CYS C 184 25.14 0.24 -16.15
CA CYS C 184 25.59 0.79 -14.88
C CYS C 184 27.10 1.07 -14.93
N ALA C 185 27.85 0.20 -15.62
CA ALA C 185 29.28 0.35 -15.82
C ALA C 185 29.60 1.70 -16.46
N ASN C 186 28.67 2.21 -17.27
CA ASN C 186 28.92 3.36 -18.11
C ASN C 186 28.10 4.57 -17.66
N ALA C 187 27.31 4.41 -16.60
CA ALA C 187 26.32 5.44 -16.25
C ALA C 187 26.97 6.74 -15.77
N PHE C 188 27.99 6.63 -14.93
CA PHE C 188 28.54 7.79 -14.24
C PHE C 188 29.91 8.18 -14.81
N ASN C 189 30.13 7.89 -16.11
CA ASN C 189 31.43 8.08 -16.78
C ASN C 189 31.78 9.55 -16.93
N ASN C 190 30.77 10.43 -16.97
CA ASN C 190 31.04 11.86 -16.94
C ASN C 190 31.57 12.27 -15.56
N SER C 191 31.39 11.41 -14.54
CA SER C 191 31.82 11.78 -13.19
C SER C 191 33.28 11.40 -13.00
N ILE C 192 33.99 12.16 -12.16
CA ILE C 192 35.26 11.70 -11.63
C ILE C 192 34.94 10.73 -10.49
N ILE C 193 35.14 9.44 -10.80
CA ILE C 193 34.86 8.32 -9.91
C ILE C 193 36.17 7.79 -9.34
N PRO C 194 36.23 7.52 -8.02
CA PRO C 194 37.40 6.85 -7.43
C PRO C 194 37.66 5.49 -8.07
N GLU C 195 38.94 5.16 -8.32
CA GLU C 195 39.34 3.89 -8.91
C GLU C 195 39.02 2.74 -7.94
N ASP C 196 38.81 3.10 -6.68
CA ASP C 196 38.31 2.21 -5.64
C ASP C 196 37.01 1.52 -6.06
N THR C 197 36.29 2.09 -7.04
CA THR C 197 34.85 1.91 -7.15
C THR C 197 34.50 0.46 -7.48
N PHE C 198 33.67 -0.14 -6.62
CA PHE C 198 33.21 -1.50 -6.79
C PHE C 198 32.08 -1.54 -7.82
N PHE C 199 32.25 -2.35 -8.89
CA PHE C 199 31.21 -2.60 -9.87
C PHE C 199 30.91 -4.09 -9.91
N PRO C 200 29.83 -4.56 -9.22
CA PRO C 200 29.53 -5.99 -9.11
C PRO C 200 29.62 -6.77 -10.43
N SER C 201 30.20 -7.98 -10.34
CA SER C 201 30.39 -8.88 -11.47
C SER C 201 29.11 -9.00 -12.29
N GLY D 4 -1.22 29.35 11.79
CA GLY D 4 -1.23 30.82 11.56
C GLY D 4 -1.94 31.20 10.25
N VAL D 5 -1.28 30.97 9.11
CA VAL D 5 -1.67 31.58 7.85
C VAL D 5 -2.00 30.49 6.84
N THR D 6 -3.25 30.45 6.37
CA THR D 6 -3.63 29.39 5.42
C THR D 6 -3.76 29.97 4.02
N GLN D 7 -3.29 29.21 3.02
CA GLN D 7 -3.36 29.64 1.64
C GLN D 7 -4.11 28.59 0.83
N THR D 8 -5.02 29.03 -0.04
CA THR D 8 -5.67 28.10 -0.93
C THR D 8 -5.65 28.67 -2.34
N PRO D 9 -5.34 27.84 -3.38
CA PRO D 9 -4.90 26.45 -3.16
C PRO D 9 -3.40 26.35 -2.93
N LYS D 10 -2.93 25.15 -2.55
CA LYS D 10 -1.51 24.95 -2.41
C LYS D 10 -0.87 24.79 -3.78
N PHE D 11 -1.63 24.20 -4.70
CA PHE D 11 -1.10 23.94 -6.03
C PHE D 11 -2.17 24.27 -7.05
N GLN D 12 -1.74 24.61 -8.29
CA GLN D 12 -2.64 25.04 -9.36
C GLN D 12 -1.95 25.09 -10.72
N VAL D 13 -2.66 24.65 -11.78
CA VAL D 13 -2.21 24.80 -13.16
C VAL D 13 -3.32 25.49 -13.96
N LEU D 14 -2.94 26.50 -14.75
CA LEU D 14 -3.95 27.25 -15.50
C LEU D 14 -3.56 27.28 -16.98
N LYS D 15 -4.57 27.34 -17.84
CA LYS D 15 -4.30 27.65 -19.23
C LYS D 15 -4.03 29.15 -19.34
N THR D 16 -3.10 29.50 -20.22
CA THR D 16 -2.90 30.87 -20.64
C THR D 16 -4.25 31.54 -20.86
N GLY D 17 -4.50 32.62 -20.12
CA GLY D 17 -5.65 33.47 -20.36
C GLY D 17 -6.76 33.25 -19.35
N GLN D 18 -6.57 32.25 -18.47
CA GLN D 18 -7.56 31.91 -17.46
C GLN D 18 -7.44 32.86 -16.25
N SER D 19 -8.55 33.03 -15.54
CA SER D 19 -8.53 33.82 -14.33
C SER D 19 -8.57 32.88 -13.14
N MET D 20 -7.99 33.32 -12.01
CA MET D 20 -8.15 32.64 -10.73
C MET D 20 -7.87 33.60 -9.59
N THR D 21 -8.36 33.24 -8.39
CA THR D 21 -8.16 33.94 -7.14
C THR D 21 -7.45 32.98 -6.17
N LEU D 22 -6.28 33.40 -5.65
CA LEU D 22 -5.64 32.74 -4.51
C LEU D 22 -6.24 33.32 -3.23
N GLN D 23 -6.58 32.45 -2.26
CA GLN D 23 -7.15 32.92 -1.00
C GLN D 23 -6.08 32.87 0.08
N CYS D 24 -6.20 33.81 1.03
CA CYS D 24 -5.34 33.87 2.19
C CYS D 24 -6.15 34.21 3.45
N ALA D 25 -5.91 33.48 4.54
CA ALA D 25 -6.63 33.73 5.77
C ALA D 25 -5.65 33.71 6.93
N GLN D 26 -5.86 34.57 7.92
CA GLN D 26 -5.06 34.56 9.14
C GLN D 26 -6.01 34.78 10.32
N ASP D 27 -5.80 33.98 11.37
CA ASP D 27 -6.63 34.01 12.57
C ASP D 27 -5.77 34.49 13.75
N MET D 28 -4.74 35.30 13.45
CA MET D 28 -3.83 35.76 14.50
C MET D 28 -4.12 37.22 14.78
N ASN D 29 -5.20 37.74 14.18
CA ASN D 29 -5.64 39.09 14.47
C ASN D 29 -4.62 40.11 13.97
N HIS D 30 -3.94 39.81 12.86
CA HIS D 30 -2.94 40.72 12.32
C HIS D 30 -3.62 41.81 11.48
N ASN D 31 -2.98 42.98 11.40
CA ASN D 31 -3.53 44.10 10.67
C ASN D 31 -3.06 44.06 9.23
N SER D 32 -1.78 43.75 9.05
CA SER D 32 -1.15 43.87 7.74
C SER D 32 -1.03 42.50 7.07
N MET D 33 -1.28 42.48 5.76
CA MET D 33 -1.16 41.25 4.99
C MET D 33 -0.48 41.62 3.67
N TYR D 34 0.15 40.63 3.05
CA TYR D 34 1.02 40.84 1.91
C TYR D 34 0.85 39.69 0.92
N TRP D 35 1.17 39.94 -0.35
CA TRP D 35 1.33 38.88 -1.34
C TRP D 35 2.66 39.05 -2.05
N TYR D 36 3.39 37.93 -2.11
CA TYR D 36 4.70 37.83 -2.72
C TYR D 36 4.64 36.76 -3.80
N ARG D 37 5.52 36.91 -4.79
CA ARG D 37 5.89 35.81 -5.67
C ARG D 37 7.39 35.57 -5.52
N GLN D 38 7.83 34.35 -5.81
CA GLN D 38 9.23 34.03 -5.66
C GLN D 38 9.73 33.26 -6.88
N ASP D 39 10.78 33.77 -7.52
CA ASP D 39 11.36 33.15 -8.69
C ASP D 39 12.78 32.69 -8.32
N PRO D 40 13.33 31.68 -9.03
CA PRO D 40 14.73 31.30 -8.84
C PRO D 40 15.66 32.52 -8.96
N GLY D 41 15.45 33.31 -10.02
CA GLY D 41 16.23 34.51 -10.31
C GLY D 41 15.95 35.64 -9.33
N GLY D 43 14.59 36.80 -5.37
CA GLY D 43 13.91 36.17 -4.22
C GLY D 43 12.44 36.56 -4.17
N LEU D 44 12.01 37.03 -3.00
CA LEU D 44 10.64 37.44 -2.75
C LEU D 44 10.37 38.82 -3.35
N ARG D 45 9.31 38.95 -4.15
CA ARG D 45 8.89 40.23 -4.69
C ARG D 45 7.45 40.51 -4.25
N LEU D 46 7.24 41.72 -3.72
CA LEU D 46 5.93 42.11 -3.22
C LEU D 46 5.01 42.51 -4.37
N ILE D 47 3.85 41.83 -4.43
CA ILE D 47 2.89 42.11 -5.48
C ILE D 47 2.00 43.27 -5.00
N TYR D 48 1.30 43.07 -3.88
CA TYR D 48 0.40 44.03 -3.27
C TYR D 48 0.47 43.79 -1.78
N TYR D 49 0.04 44.79 -1.00
CA TYR D 49 0.00 44.65 0.45
C TYR D 49 -1.22 45.40 0.93
N SER D 50 -1.54 45.22 2.21
CA SER D 50 -2.75 45.71 2.83
C SER D 50 -2.40 45.99 4.28
N ALA D 51 -2.22 47.27 4.59
CA ALA D 51 -1.59 47.69 5.84
C ALA D 51 -2.52 47.37 7.00
N SER D 52 -3.82 47.49 6.75
CA SER D 52 -4.88 47.20 7.72
C SER D 52 -6.17 46.90 6.97
N GLU D 53 -7.21 46.50 7.71
CA GLU D 53 -8.51 46.26 7.11
C GLU D 53 -8.93 47.52 6.40
N GLY D 54 -9.13 47.41 5.08
CA GLY D 54 -9.76 48.47 4.31
C GLY D 54 -8.84 49.24 3.35
N THR D 55 -7.54 48.94 3.36
CA THR D 55 -6.64 49.56 2.39
C THR D 55 -5.79 48.51 1.71
N THR D 56 -5.50 48.78 0.44
CA THR D 56 -4.52 48.02 -0.31
C THR D 56 -3.64 49.02 -1.07
N ASP D 57 -2.42 48.62 -1.36
CA ASP D 57 -1.47 49.41 -2.13
C ASP D 57 -0.62 48.48 -2.99
N LYS D 58 -0.23 48.93 -4.18
CA LYS D 58 0.64 48.17 -5.07
C LYS D 58 2.04 48.07 -4.46
N GLY D 59 2.61 46.86 -4.56
CA GLY D 59 4.00 46.60 -4.26
C GLY D 59 4.85 46.70 -5.53
N GLU D 60 5.92 45.90 -5.61
CA GLU D 60 6.94 46.01 -6.64
C GLU D 60 6.41 45.48 -7.97
N VAL D 61 5.67 44.36 -7.96
CA VAL D 61 5.31 43.71 -9.21
C VAL D 61 3.80 43.53 -9.35
N PRO D 62 3.02 44.65 -9.36
CA PRO D 62 1.56 44.56 -9.36
C PRO D 62 0.91 44.16 -10.67
N ASN D 63 1.63 44.33 -11.79
CA ASN D 63 0.99 44.33 -13.10
C ASN D 63 0.49 42.93 -13.44
N GLY D 64 -0.82 42.83 -13.72
CA GLY D 64 -1.46 41.57 -14.06
C GLY D 64 -2.10 40.91 -12.86
N TYR D 65 -2.02 41.54 -11.69
CA TYR D 65 -2.76 41.07 -10.54
C TYR D 65 -3.60 42.23 -10.00
N ASN D 66 -4.56 41.88 -9.13
CA ASN D 66 -5.25 42.81 -8.23
C ASN D 66 -5.65 42.07 -6.95
N VAL D 67 -5.99 42.84 -5.91
CA VAL D 67 -6.24 42.30 -4.58
C VAL D 67 -7.50 42.90 -3.95
N SER D 68 -8.08 42.14 -3.02
CA SER D 68 -9.17 42.61 -2.17
C SER D 68 -8.83 42.22 -0.74
N ARG D 69 -8.74 43.24 0.13
CA ARG D 69 -8.81 43.05 1.57
C ARG D 69 -10.24 43.31 1.96
N LEU D 70 -11.03 42.25 2.09
CA LEU D 70 -12.45 42.47 2.32
C LEU D 70 -12.73 42.57 3.81
N ASN D 71 -11.91 41.90 4.64
CA ASN D 71 -12.01 42.03 6.09
C ASN D 71 -10.62 41.85 6.70
N LYS D 72 -10.56 41.90 8.03
CA LYS D 72 -9.30 41.81 8.75
C LYS D 72 -8.56 40.53 8.39
N ARG D 73 -9.30 39.46 8.07
CA ARG D 73 -8.83 38.09 8.11
C ARG D 73 -8.34 37.64 6.73
N GLU D 74 -8.99 38.12 5.67
CA GLU D 74 -8.70 37.53 4.37
C GLU D 74 -8.17 38.59 3.41
N PHE D 75 -7.21 38.17 2.58
CA PHE D 75 -6.62 39.02 1.57
C PHE D 75 -6.51 38.22 0.28
N SER D 76 -7.31 38.57 -0.75
CA SER D 76 -7.38 37.80 -1.99
C SER D 76 -6.38 38.31 -3.02
N LEU D 77 -5.80 37.38 -3.80
CA LEU D 77 -5.00 37.78 -4.95
C LEU D 77 -5.67 37.22 -6.20
N ARG D 78 -5.83 38.07 -7.23
CA ARG D 78 -6.54 37.72 -8.45
C ARG D 78 -5.56 37.76 -9.60
N LEU D 79 -5.49 36.67 -10.39
CA LEU D 79 -4.80 36.68 -11.66
C LEU D 79 -5.85 36.86 -12.75
N GLU D 80 -5.79 37.97 -13.49
CA GLU D 80 -6.86 38.44 -14.37
C GLU D 80 -6.96 37.51 -15.59
N SER D 81 -5.86 37.39 -16.33
CA SER D 81 -5.72 36.34 -17.34
C SER D 81 -4.28 35.82 -17.32
N ALA D 82 -4.13 34.56 -16.90
CA ALA D 82 -2.83 33.93 -16.69
C ALA D 82 -1.93 34.07 -17.91
N ALA D 83 -0.66 34.39 -17.64
CA ALA D 83 0.37 34.39 -18.67
C ALA D 83 1.54 33.54 -18.17
N PRO D 84 2.24 32.79 -19.06
CA PRO D 84 3.40 31.97 -18.68
C PRO D 84 4.38 32.58 -17.67
N SER D 85 4.53 33.91 -17.74
CA SER D 85 5.48 34.61 -16.88
C SER D 85 4.99 34.57 -15.44
N GLN D 86 3.70 34.20 -15.24
CA GLN D 86 3.06 34.24 -13.93
C GLN D 86 3.25 32.92 -13.20
N THR D 87 3.94 31.98 -13.86
CA THR D 87 4.33 30.73 -13.24
C THR D 87 5.29 31.04 -12.09
N SER D 88 4.95 30.64 -10.86
CA SER D 88 5.74 31.06 -9.72
C SER D 88 5.25 30.38 -8.44
N VAL D 89 5.97 30.60 -7.33
CA VAL D 89 5.45 30.28 -6.01
C VAL D 89 4.93 31.56 -5.38
N TYR D 90 3.65 31.53 -4.93
CA TYR D 90 2.96 32.66 -4.34
C TYR D 90 2.76 32.47 -2.83
N PHE D 91 3.31 33.40 -2.04
CA PHE D 91 3.19 33.36 -0.59
C PHE D 91 2.38 34.54 -0.10
N CYS D 92 1.31 34.25 0.62
CA CYS D 92 0.70 35.22 1.52
C CYS D 92 1.53 35.31 2.80
N ALA D 93 1.43 36.44 3.51
CA ALA D 93 1.98 36.65 4.84
C ALA D 93 1.15 37.69 5.56
N SER D 94 1.40 37.81 6.87
CA SER D 94 0.70 38.79 7.69
C SER D 94 1.61 39.22 8.82
N SER D 95 1.29 40.35 9.43
CA SER D 95 2.11 40.83 10.49
C SER D 95 1.19 41.68 11.35
N GLU D 96 1.57 41.90 12.62
CA GLU D 96 0.67 42.60 13.52
C GLU D 96 0.34 44.00 13.02
N GLY D 97 1.33 44.68 12.42
CA GLY D 97 1.11 46.02 11.92
C GLY D 97 2.39 46.58 11.33
N LEU D 98 2.40 46.86 10.00
CA LEU D 98 3.64 47.25 9.33
C LEU D 98 4.22 48.60 9.77
N TRP D 99 3.47 49.42 10.54
CA TRP D 99 3.96 50.71 11.00
C TRP D 99 4.80 50.55 12.28
N GLN D 100 4.75 49.35 12.88
CA GLN D 100 5.37 49.15 14.20
C GLN D 100 6.81 48.65 14.10
N VAL D 101 7.64 49.09 15.04
CA VAL D 101 9.01 48.61 15.11
C VAL D 101 9.01 47.14 15.53
N GLY D 102 9.84 46.31 14.86
CA GLY D 102 9.97 44.93 15.28
C GLY D 102 8.90 44.01 14.67
N ASP D 103 8.05 44.62 13.83
CA ASP D 103 6.98 43.93 13.15
C ASP D 103 7.53 42.72 12.39
N GLU D 104 7.07 41.53 12.78
CA GLU D 104 7.47 40.26 12.17
C GLU D 104 6.40 39.78 11.19
N GLN D 105 6.86 39.33 10.01
CA GLN D 105 5.96 38.78 8.99
C GLN D 105 5.93 37.27 9.13
N TYR D 106 4.72 36.69 9.18
CA TYR D 106 4.52 35.25 9.24
C TYR D 106 3.97 34.75 7.91
N PHE D 107 4.59 33.71 7.35
CA PHE D 107 4.28 33.36 5.97
C PHE D 107 3.25 32.23 5.88
N GLY D 108 2.42 32.29 4.83
CA GLY D 108 1.61 31.16 4.40
C GLY D 108 2.49 30.13 3.70
N PRO D 109 2.00 28.88 3.55
CA PRO D 109 2.79 27.79 2.95
C PRO D 109 3.11 27.97 1.47
N GLY D 110 2.42 28.90 0.79
CA GLY D 110 2.71 29.20 -0.59
C GLY D 110 1.78 28.45 -1.54
N THR D 111 1.63 29.00 -2.76
CA THR D 111 0.90 28.37 -3.84
C THR D 111 1.85 28.23 -5.02
N ARG D 112 2.21 26.99 -5.38
CA ARG D 112 2.94 26.79 -6.63
C ARG D 112 1.92 26.75 -7.76
N LEU D 113 2.08 27.66 -8.72
CA LEU D 113 1.19 27.83 -9.86
C LEU D 113 1.97 27.66 -11.16
N THR D 114 1.38 26.89 -12.08
CA THR D 114 1.98 26.68 -13.41
C THR D 114 1.02 27.16 -14.49
N VAL D 115 1.49 28.04 -15.37
CA VAL D 115 0.67 28.50 -16.49
C VAL D 115 1.10 27.78 -17.77
N THR D 116 0.19 26.97 -18.35
CA THR D 116 0.46 26.27 -19.60
C THR D 116 -0.45 26.73 -20.73
N GLU D 117 0.13 26.70 -21.93
CA GLU D 117 -0.58 27.07 -23.16
C GLU D 117 -1.72 26.08 -23.37
N ASP D 118 -1.59 24.88 -22.81
CA ASP D 118 -2.54 23.80 -23.07
C ASP D 118 -2.59 22.83 -21.89
N LEU D 119 -3.80 22.46 -21.47
CA LEU D 119 -4.01 21.56 -20.34
C LEU D 119 -3.63 20.13 -20.72
N LYS D 120 -3.48 19.88 -22.03
CA LYS D 120 -3.12 18.58 -22.55
C LYS D 120 -1.68 18.24 -22.16
N ASN D 121 -0.91 19.27 -21.79
CA ASN D 121 0.45 19.05 -21.30
C ASN D 121 0.49 18.41 -19.92
N VAL D 122 -0.65 18.31 -19.22
CA VAL D 122 -0.64 17.89 -17.83
C VAL D 122 -0.61 16.36 -17.81
N PHE D 123 0.30 15.78 -17.01
CA PHE D 123 0.42 14.34 -16.90
C PHE D 123 0.68 13.93 -15.45
N PRO D 124 0.07 12.82 -14.96
CA PRO D 124 0.32 12.37 -13.60
C PRO D 124 1.66 11.65 -13.67
N PRO D 125 2.32 11.34 -12.53
CA PRO D 125 3.56 10.57 -12.55
C PRO D 125 3.30 9.07 -12.76
N GLU D 126 4.20 8.41 -13.49
CA GLU D 126 4.34 6.98 -13.30
C GLU D 126 5.25 6.74 -12.10
N VAL D 127 4.90 5.76 -11.26
CA VAL D 127 5.65 5.49 -10.03
C VAL D 127 6.12 4.05 -10.07
N ALA D 128 7.41 3.84 -9.82
CA ALA D 128 7.92 2.49 -9.84
C ALA D 128 8.92 2.36 -8.68
N VAL D 129 8.88 1.21 -7.98
CA VAL D 129 9.91 0.96 -6.99
C VAL D 129 10.92 -0.06 -7.51
N PHE D 130 12.19 0.21 -7.31
CA PHE D 130 13.27 -0.68 -7.74
C PHE D 130 13.92 -1.24 -6.50
N GLU D 131 14.07 -2.57 -6.48
CA GLU D 131 14.47 -3.34 -5.32
C GLU D 131 16.00 -3.32 -5.17
N PRO D 132 16.54 -3.46 -3.94
CA PRO D 132 17.99 -3.52 -3.71
C PRO D 132 18.72 -4.64 -4.47
N SER D 133 19.95 -4.33 -4.86
CA SER D 133 20.88 -5.27 -5.48
C SER D 133 21.40 -6.28 -4.45
N GLU D 134 21.46 -7.57 -4.84
CA GLU D 134 21.96 -8.59 -3.92
C GLU D 134 23.45 -8.37 -3.67
N ALA D 135 24.12 -7.72 -4.63
CA ALA D 135 25.53 -7.40 -4.48
C ALA D 135 25.73 -6.33 -3.41
N GLU D 136 24.77 -5.39 -3.29
CA GLU D 136 24.80 -4.37 -2.26
C GLU D 136 24.57 -5.02 -0.89
N ILE D 137 23.65 -5.99 -0.84
CA ILE D 137 23.35 -6.70 0.39
C ILE D 137 24.55 -7.58 0.79
N SER D 138 25.28 -8.09 -0.21
CA SER D 138 26.42 -8.96 0.03
C SER D 138 27.61 -8.16 0.53
N HIS D 139 27.85 -7.02 -0.12
CA HIS D 139 28.96 -6.14 0.15
C HIS D 139 28.79 -5.33 1.44
N THR D 140 27.56 -4.89 1.78
CA THR D 140 27.38 -3.89 2.82
C THR D 140 26.49 -4.36 3.97
N GLN D 141 25.71 -5.43 3.77
CA GLN D 141 24.69 -5.87 4.72
C GLN D 141 23.61 -4.80 4.91
N LYS D 142 23.55 -3.86 3.95
CA LYS D 142 22.45 -2.91 3.86
C LYS D 142 21.75 -3.10 2.51
N ALA D 143 20.62 -2.40 2.34
CA ALA D 143 19.77 -2.54 1.17
C ALA D 143 19.08 -1.20 0.87
N THR D 144 19.38 -0.64 -0.31
CA THR D 144 18.82 0.62 -0.76
C THR D 144 17.71 0.35 -1.78
N LEU D 145 16.48 0.77 -1.47
CA LEU D 145 15.40 0.79 -2.45
C LEU D 145 15.43 2.16 -3.11
N VAL D 146 14.96 2.22 -4.36
CA VAL D 146 14.80 3.45 -5.10
C VAL D 146 13.37 3.51 -5.66
N CYS D 147 12.70 4.63 -5.38
CA CYS D 147 11.47 5.00 -6.03
C CYS D 147 11.73 6.02 -7.14
N LEU D 148 11.07 5.85 -8.30
CA LEU D 148 11.10 6.84 -9.38
C LEU D 148 9.69 7.29 -9.71
N ALA D 149 9.48 8.61 -9.70
CA ALA D 149 8.32 9.23 -10.30
C ALA D 149 8.74 9.90 -11.60
N THR D 150 8.03 9.57 -12.69
CA THR D 150 8.44 9.98 -14.03
C THR D 150 7.23 10.42 -14.86
N GLY D 151 7.48 11.22 -15.89
CA GLY D 151 6.48 11.58 -16.88
C GLY D 151 5.39 12.51 -16.38
N PHE D 152 5.61 13.23 -15.26
CA PHE D 152 4.56 14.10 -14.73
C PHE D 152 4.78 15.56 -15.11
N TYR D 153 3.66 16.30 -15.21
CA TYR D 153 3.68 17.74 -15.40
C TYR D 153 2.35 18.30 -14.90
N PRO D 154 2.32 19.41 -14.13
CA PRO D 154 3.51 20.16 -13.75
C PRO D 154 4.28 19.39 -12.66
N ASP D 155 5.40 19.98 -12.23
CA ASP D 155 6.25 19.37 -11.22
C ASP D 155 5.67 19.63 -9.84
N HIS D 156 4.38 19.34 -9.64
CA HIS D 156 3.71 19.56 -8.36
C HIS D 156 3.42 18.23 -7.69
N VAL D 157 4.47 17.64 -7.08
CA VAL D 157 4.35 16.30 -6.54
C VAL D 157 4.89 16.28 -5.11
N GLU D 158 4.48 15.28 -4.32
CA GLU D 158 5.01 15.09 -2.98
C GLU D 158 5.17 13.60 -2.72
N LEU D 159 6.39 13.21 -2.42
CA LEU D 159 6.75 11.82 -2.31
C LEU D 159 7.04 11.51 -0.84
N SER D 160 6.45 10.41 -0.34
CA SER D 160 6.74 9.84 0.97
C SER D 160 6.97 8.33 0.85
N TRP D 161 7.61 7.75 1.87
CA TRP D 161 7.82 6.32 1.98
C TRP D 161 6.97 5.75 3.11
N TRP D 162 6.43 4.54 2.91
CA TRP D 162 5.64 3.87 3.95
C TRP D 162 6.17 2.46 4.14
N VAL D 163 6.62 2.14 5.36
CA VAL D 163 7.09 0.79 5.63
C VAL D 163 6.12 0.14 6.63
N ASN D 164 5.46 -0.94 6.20
CA ASN D 164 4.53 -1.65 7.06
C ASN D 164 3.45 -0.68 7.53
N GLY D 165 3.06 0.26 6.65
CA GLY D 165 1.90 1.08 6.93
C GLY D 165 2.21 2.26 7.85
N LYS D 166 3.49 2.56 8.05
CA LYS D 166 3.89 3.77 8.76
C LYS D 166 4.88 4.57 7.91
N GLU D 167 4.64 5.90 7.85
CA GLU D 167 5.51 6.83 7.14
C GLU D 167 6.88 6.88 7.82
N VAL D 168 7.95 6.88 7.01
CA VAL D 168 9.28 6.83 7.59
C VAL D 168 10.11 7.97 7.00
N HIS D 169 11.01 8.53 7.82
CA HIS D 169 11.89 9.57 7.35
C HIS D 169 13.35 9.12 7.47
N SER D 170 13.61 8.30 8.51
CA SER D 170 14.95 7.78 8.74
C SER D 170 15.41 6.90 7.59
N GLY D 171 16.57 7.23 7.00
CA GLY D 171 17.17 6.43 5.95
C GLY D 171 16.66 6.83 4.56
N VAL D 172 15.82 7.87 4.48
CA VAL D 172 15.23 8.31 3.24
C VAL D 172 15.94 9.57 2.76
N CYS D 173 16.16 9.67 1.45
CA CYS D 173 16.61 10.91 0.85
C CYS D 173 15.89 11.06 -0.49
N THR D 174 15.18 12.18 -0.63
CA THR D 174 14.45 12.52 -1.83
C THR D 174 15.13 13.73 -2.49
N ASP D 175 15.31 13.69 -3.81
CA ASP D 175 15.85 14.78 -4.59
C ASP D 175 15.15 16.07 -4.19
N PRO D 176 15.90 17.16 -3.94
CA PRO D 176 15.30 18.42 -3.49
C PRO D 176 14.29 18.85 -4.55
N GLN D 177 14.62 18.57 -5.81
CA GLN D 177 13.90 19.13 -6.92
C GLN D 177 13.76 18.11 -8.04
N PRO D 178 12.53 18.04 -8.64
CA PRO D 178 12.29 17.25 -9.84
C PRO D 178 13.13 17.83 -10.98
N LEU D 179 13.67 16.94 -11.82
CA LEU D 179 14.45 17.36 -12.97
C LEU D 179 13.60 17.30 -14.25
N LYS D 180 14.03 18.02 -15.30
CA LYS D 180 13.32 18.02 -16.58
C LYS D 180 13.79 16.82 -17.39
N GLU D 181 12.85 16.05 -17.95
CA GLU D 181 13.24 14.93 -18.79
C GLU D 181 13.60 15.41 -20.20
N GLN D 182 13.21 16.65 -20.53
CA GLN D 182 13.61 17.30 -21.78
C GLN D 182 13.88 18.78 -21.51
N PRO D 183 15.08 19.12 -20.97
CA PRO D 183 15.40 20.49 -20.56
C PRO D 183 15.37 21.52 -21.68
N ALA D 184 15.29 21.03 -22.92
CA ALA D 184 15.17 21.86 -24.11
C ALA D 184 13.77 22.43 -24.26
N LEU D 185 12.77 21.71 -23.74
CA LEU D 185 11.38 22.14 -23.94
C LEU D 185 10.96 23.11 -22.83
N ASN D 186 9.90 23.87 -23.11
CA ASN D 186 9.31 24.82 -22.19
C ASN D 186 8.21 24.12 -21.40
N ASP D 187 7.89 22.90 -21.86
CA ASP D 187 6.80 22.09 -21.36
C ASP D 187 7.34 20.70 -20.98
N SER D 188 8.62 20.62 -20.62
CA SER D 188 9.21 19.36 -20.23
C SER D 188 8.35 18.66 -19.17
N ARG D 189 8.20 17.34 -19.32
CA ARG D 189 7.74 16.50 -18.23
C ARG D 189 8.85 16.31 -17.19
N TYR D 190 8.50 15.78 -16.02
CA TYR D 190 9.46 15.78 -14.91
C TYR D 190 9.66 14.38 -14.33
N ALA D 191 10.78 14.23 -13.61
CA ALA D 191 11.09 13.03 -12.85
C ALA D 191 11.65 13.38 -11.47
N LEU D 192 11.33 12.52 -10.49
CA LEU D 192 11.81 12.62 -9.11
C LEU D 192 12.24 11.22 -8.61
N SER D 193 13.39 11.17 -7.91
CA SER D 193 13.85 9.93 -7.31
C SER D 193 13.99 10.08 -5.80
N SER D 194 13.92 8.96 -5.10
CA SER D 194 14.05 8.91 -3.66
C SER D 194 14.66 7.56 -3.31
N ARG D 195 15.47 7.54 -2.23
CA ARG D 195 16.01 6.31 -1.73
C ARG D 195 15.49 6.05 -0.32
N LEU D 196 15.29 4.77 -0.05
CA LEU D 196 15.10 4.32 1.30
C LEU D 196 16.11 3.21 1.53
N ARG D 197 16.89 3.36 2.61
CA ARG D 197 17.90 2.35 2.90
C ARG D 197 17.65 1.74 4.28
N VAL D 198 17.69 0.41 4.31
CA VAL D 198 17.43 -0.40 5.50
C VAL D 198 18.55 -1.43 5.60
N SER D 199 18.63 -2.14 6.71
CA SER D 199 19.59 -3.23 6.82
C SER D 199 19.18 -4.41 5.94
N ALA D 200 20.17 -5.24 5.59
CA ALA D 200 19.95 -6.47 4.83
C ALA D 200 18.85 -7.33 5.47
N THR D 201 18.94 -7.53 6.79
CA THR D 201 18.06 -8.48 7.46
C THR D 201 16.64 -7.96 7.46
N PHE D 202 16.48 -6.63 7.50
CA PHE D 202 15.16 -6.06 7.38
C PHE D 202 14.59 -6.35 6.00
N TRP D 203 15.39 -6.09 4.97
CA TRP D 203 14.93 -6.37 3.62
C TRP D 203 14.63 -7.86 3.41
N GLN D 204 15.34 -8.72 4.14
CA GLN D 204 15.34 -10.14 3.86
C GLN D 204 14.13 -10.82 4.50
N ASN D 205 13.37 -10.05 5.28
CA ASN D 205 12.12 -10.50 5.84
C ASN D 205 10.98 -10.30 4.85
N PRO D 206 10.40 -11.39 4.28
CA PRO D 206 9.35 -11.29 3.27
C PRO D 206 8.03 -10.70 3.78
N ARG D 207 7.90 -10.56 5.09
CA ARG D 207 6.68 -9.98 5.62
C ARG D 207 6.76 -8.45 5.52
N ASN D 208 7.97 -7.92 5.29
CA ASN D 208 8.22 -6.49 5.31
C ASN D 208 7.73 -5.87 4.00
N HIS D 209 6.93 -4.81 4.13
CA HIS D 209 6.24 -4.19 3.01
C HIS D 209 6.71 -2.74 2.86
N PHE D 210 7.17 -2.38 1.65
CA PHE D 210 7.62 -1.04 1.36
C PHE D 210 6.74 -0.39 0.31
N ARG D 211 6.29 0.85 0.53
CA ARG D 211 5.40 1.48 -0.42
C ARG D 211 5.89 2.89 -0.68
N CYS D 212 6.09 3.22 -1.97
CA CYS D 212 6.43 4.59 -2.33
C CYS D 212 5.16 5.33 -2.74
N GLN D 213 4.95 6.54 -2.21
CA GLN D 213 3.65 7.20 -2.34
C GLN D 213 3.86 8.57 -2.92
N VAL D 214 3.29 8.82 -4.11
CA VAL D 214 3.48 10.11 -4.72
C VAL D 214 2.12 10.77 -4.85
N GLN D 215 1.94 11.90 -4.15
CA GLN D 215 0.79 12.76 -4.32
C GLN D 215 1.11 13.70 -5.46
N PHE D 216 0.17 13.77 -6.41
CA PHE D 216 0.29 14.64 -7.55
C PHE D 216 -0.86 15.64 -7.54
N TYR D 217 -0.54 16.89 -7.89
CA TYR D 217 -1.57 17.91 -8.00
C TYR D 217 -1.77 18.30 -9.46
N GLY D 218 -2.99 18.04 -9.97
CA GLY D 218 -3.30 18.27 -11.37
C GLY D 218 -4.61 19.05 -11.55
N LEU D 219 -5.44 18.61 -12.51
CA LEU D 219 -6.68 19.29 -12.83
C LEU D 219 -7.74 18.98 -11.78
N SER D 220 -8.81 19.77 -11.77
CA SER D 220 -9.92 19.58 -10.85
C SER D 220 -11.09 18.95 -11.60
N GLU D 221 -12.23 18.80 -10.91
CA GLU D 221 -13.45 18.32 -11.54
C GLU D 221 -13.92 19.33 -12.59
N ASN D 222 -13.65 20.63 -12.32
CA ASN D 222 -14.21 21.74 -13.07
C ASN D 222 -13.48 21.97 -14.39
N ASP D 223 -12.20 21.55 -14.46
CA ASP D 223 -11.44 21.66 -15.70
C ASP D 223 -12.02 20.69 -16.72
N GLU D 224 -11.97 21.09 -18.00
CA GLU D 224 -12.58 20.32 -19.08
C GLU D 224 -11.56 19.35 -19.70
N TRP D 225 -11.96 18.09 -19.85
CA TRP D 225 -11.13 17.11 -20.52
C TRP D 225 -11.85 16.53 -21.73
N THR D 226 -11.17 16.55 -22.90
CA THR D 226 -11.74 16.05 -24.14
C THR D 226 -10.84 14.96 -24.74
N GLN D 227 -9.64 14.79 -24.17
CA GLN D 227 -8.61 13.91 -24.70
C GLN D 227 -8.95 12.45 -24.42
N ASP D 228 -8.26 11.55 -25.12
CA ASP D 228 -8.55 10.13 -25.10
C ASP D 228 -8.09 9.51 -23.78
N ARG D 229 -7.00 10.05 -23.21
CA ARG D 229 -6.41 9.48 -22.00
C ARG D 229 -7.16 10.01 -20.79
N ALA D 230 -6.95 9.36 -19.63
CA ALA D 230 -7.63 9.77 -18.41
C ALA D 230 -7.21 11.18 -18.02
N LYS D 231 -8.21 11.95 -17.57
CA LYS D 231 -8.07 13.30 -17.04
C LYS D 231 -7.02 13.30 -15.93
N PRO D 232 -5.92 14.08 -16.06
CA PRO D 232 -4.82 14.10 -15.07
C PRO D 232 -5.17 14.93 -13.83
N VAL D 233 -6.05 14.37 -12.99
CA VAL D 233 -6.54 15.01 -11.77
C VAL D 233 -5.52 14.84 -10.63
N THR D 234 -5.70 15.65 -9.59
CA THR D 234 -5.02 15.47 -8.33
C THR D 234 -5.24 14.03 -7.90
N GLN D 235 -4.16 13.32 -7.60
CA GLN D 235 -4.27 11.91 -7.28
C GLN D 235 -3.00 11.45 -6.57
N ILE D 236 -3.11 10.35 -5.84
CA ILE D 236 -1.92 9.69 -5.33
C ILE D 236 -1.68 8.42 -6.15
N VAL D 237 -0.42 8.26 -6.60
CA VAL D 237 0.10 7.06 -7.25
C VAL D 237 1.17 6.39 -6.39
N SER D 238 1.01 5.08 -6.14
CA SER D 238 1.86 4.31 -5.25
C SER D 238 2.53 3.17 -6.01
N ALA D 239 3.69 2.77 -5.52
CA ALA D 239 4.33 1.57 -6.02
C ALA D 239 4.95 0.85 -4.82
N GLU D 240 5.07 -0.48 -4.95
CA GLU D 240 5.30 -1.33 -3.79
C GLU D 240 6.43 -2.28 -4.08
N ALA D 241 7.04 -2.75 -2.99
CA ALA D 241 7.99 -3.85 -3.03
C ALA D 241 7.80 -4.65 -1.74
N TRP D 242 8.16 -5.93 -1.81
CA TRP D 242 8.13 -6.80 -0.66
C TRP D 242 9.51 -7.38 -0.40
N GLY D 243 9.81 -7.60 0.88
CA GLY D 243 11.06 -8.24 1.25
C GLY D 243 11.22 -9.62 0.63
N ARG D 244 12.47 -10.10 0.64
CA ARG D 244 12.97 -11.10 -0.27
C ARG D 244 14.20 -11.76 0.37
N ALA D 245 14.02 -13.04 0.77
CA ALA D 245 15.09 -13.88 1.32
C ALA D 245 16.20 -14.08 0.30
N ASP D 246 15.82 -14.17 -0.99
CA ASP D 246 16.70 -14.33 -2.14
C ASP D 246 17.78 -15.38 -1.87
S SO4 E . 0.06 0.48 3.49
O1 SO4 E . -1.14 0.63 2.71
O2 SO4 E . -0.08 -0.51 4.52
O3 SO4 E . 1.14 0.04 2.61
O4 SO4 E . 0.35 1.76 4.08
#